data_7UXE
#
_entry.id   7UXE
#
_cell.length_a   1.00
_cell.length_b   1.00
_cell.length_c   1.00
_cell.angle_alpha   90.00
_cell.angle_beta   90.00
_cell.angle_gamma   90.00
#
_symmetry.space_group_name_H-M   'P 1'
#
_entity_poly.entity_id   1
_entity_poly.type   'polypeptide(L)'
_entity_poly.pdbx_seq_one_letter_code
;MTKFYSPDDLVTPQEFADPHFAAINQKRFDLYIDLRVQGYSSWRVFRAIWGEEHMDGPAQARIFAMESNPYYRKQFKAKL
NATKTSDLWNPKTALHELLQMVRDPTVKDSSRLSAIKELNVLAEITFVDESGKTRIGRGLADFYASEAEAQTATVAAAAE
ANSYVPEGEEGDFPSPTPEPTEEDRANPI
;
_entity_poly.pdbx_strand_id   A,B,C,D,E,F,G,H,I,J
#
# COMPACT_ATOMS: atom_id res chain seq x y z
N GLN A 14 -30.45 16.03 33.25
CA GLN A 14 -30.20 16.80 32.04
C GLN A 14 -30.08 15.91 30.81
N GLU A 15 -31.24 15.50 30.28
CA GLU A 15 -31.31 14.70 29.06
C GLU A 15 -31.41 15.57 27.81
N PHE A 16 -31.39 16.90 27.99
CA PHE A 16 -31.40 17.84 26.87
C PHE A 16 -29.98 18.15 26.43
N ALA A 17 -29.82 19.12 25.53
CA ALA A 17 -28.50 19.61 25.17
C ALA A 17 -28.35 21.05 25.63
N ASP A 18 -27.97 21.24 26.89
CA ASP A 18 -27.92 22.56 27.50
C ASP A 18 -26.51 22.90 27.92
N PRO A 19 -25.90 23.93 27.34
CA PRO A 19 -24.56 24.34 27.79
C PRO A 19 -24.53 24.85 29.22
N HIS A 20 -25.29 25.91 29.50
CA HIS A 20 -25.20 26.55 30.82
C HIS A 20 -26.22 25.97 31.78
N PHE A 21 -25.78 24.99 32.57
CA PHE A 21 -26.55 24.48 33.70
C PHE A 21 -25.58 24.20 34.85
N ALA A 22 -24.39 24.80 34.78
CA ALA A 22 -23.36 24.59 35.77
C ALA A 22 -23.73 25.30 37.08
N ALA A 23 -22.81 25.21 38.06
CA ALA A 23 -22.95 25.70 39.43
C ALA A 23 -24.00 24.93 40.22
N ILE A 24 -24.72 24.00 39.59
CA ILE A 24 -25.59 23.07 40.29
C ILE A 24 -24.94 21.69 40.36
N ASN A 25 -24.41 21.22 39.24
CA ASN A 25 -23.58 20.02 39.17
C ASN A 25 -22.15 20.48 38.92
N GLN A 26 -21.40 20.68 40.00
CA GLN A 26 -20.06 21.24 39.87
C GLN A 26 -18.99 20.22 40.21
N LYS A 27 -19.26 19.33 41.16
CA LYS A 27 -18.32 18.27 41.48
C LYS A 27 -18.18 17.26 40.35
N ARG A 28 -19.26 16.99 39.60
CA ARG A 28 -19.17 16.09 38.45
C ARG A 28 -18.33 16.71 37.34
N PHE A 29 -18.46 18.01 37.12
CA PHE A 29 -17.66 18.68 36.11
C PHE A 29 -16.17 18.68 36.45
N ASP A 30 -15.81 18.58 37.72
CA ASP A 30 -14.39 18.54 38.06
C ASP A 30 -13.79 17.18 37.76
N LEU A 31 -14.52 16.10 38.02
CA LEU A 31 -14.05 14.77 37.68
C LEU A 31 -13.84 14.64 36.18
N TYR A 32 -14.80 15.15 35.39
CA TYR A 32 -14.68 15.12 33.94
C TYR A 32 -13.46 15.90 33.48
N ILE A 33 -13.26 17.10 34.04
CA ILE A 33 -12.14 17.92 33.61
C ILE A 33 -10.82 17.24 33.95
N ASP A 34 -10.72 16.65 35.13
CA ASP A 34 -9.48 16.00 35.52
C ASP A 34 -9.20 14.76 34.66
N LEU A 35 -10.21 13.92 34.45
CA LEU A 35 -10.02 12.74 33.64
C LEU A 35 -9.67 13.10 32.20
N ARG A 36 -10.24 14.19 31.68
CA ARG A 36 -9.92 14.60 30.32
C ARG A 36 -8.52 15.19 30.25
N VAL A 37 -8.13 15.99 31.24
CA VAL A 37 -6.82 16.64 31.20
C VAL A 37 -5.73 15.61 31.39
N GLN A 38 -6.02 14.50 32.06
CA GLN A 38 -5.02 13.44 32.14
C GLN A 38 -4.76 12.81 30.78
N GLY A 39 -5.73 12.88 29.88
CA GLY A 39 -5.53 12.50 28.50
C GLY A 39 -6.45 11.44 27.96
N TYR A 40 -7.27 10.78 28.79
CA TYR A 40 -8.14 9.75 28.26
C TYR A 40 -9.20 10.36 27.35
N SER A 41 -9.71 9.55 26.44
CA SER A 41 -10.56 10.05 25.38
C SER A 41 -11.91 10.50 25.93
N SER A 42 -12.65 11.22 25.10
CA SER A 42 -14.04 11.55 25.39
C SER A 42 -14.91 10.34 25.09
N TRP A 43 -16.21 10.60 24.96
CA TRP A 43 -17.20 9.54 24.76
C TRP A 43 -17.32 8.67 26.00
N ARG A 44 -16.28 7.93 26.35
CA ARG A 44 -16.46 7.00 27.46
C ARG A 44 -16.56 7.75 28.78
N VAL A 45 -15.69 8.76 28.98
CA VAL A 45 -15.71 9.53 30.23
C VAL A 45 -17.13 10.01 30.53
N PHE A 46 -17.89 10.31 29.48
CA PHE A 46 -19.30 10.63 29.64
C PHE A 46 -20.06 9.44 30.22
N ARG A 47 -19.78 8.22 29.73
CA ARG A 47 -20.43 7.04 30.29
C ARG A 47 -20.06 6.88 31.76
N ALA A 48 -18.81 7.16 32.10
CA ALA A 48 -18.30 6.99 33.45
C ALA A 48 -18.97 7.94 34.43
N ILE A 49 -19.00 9.23 34.10
CA ILE A 49 -19.38 10.24 35.08
C ILE A 49 -20.88 10.55 35.00
N TRP A 50 -21.46 10.42 33.80
CA TRP A 50 -22.87 10.74 33.63
C TRP A 50 -23.69 9.48 33.35
N GLY A 51 -23.23 8.33 33.83
CA GLY A 51 -24.01 7.11 33.73
C GLY A 51 -24.23 6.68 32.30
N GLU A 52 -25.37 6.03 32.07
CA GLU A 52 -25.73 5.49 30.77
C GLU A 52 -26.70 6.39 30.01
N GLU A 53 -26.54 7.71 30.14
CA GLU A 53 -27.41 8.66 29.45
C GLU A 53 -27.06 8.73 27.96
N HIS A 54 -26.22 7.82 27.49
CA HIS A 54 -25.87 7.78 26.09
C HIS A 54 -27.08 7.40 25.25
N MET A 55 -27.02 7.78 23.96
CA MET A 55 -28.09 7.53 23.00
C MET A 55 -29.42 8.17 23.43
N ASP A 56 -29.36 9.19 24.28
CA ASP A 56 -30.55 9.94 24.64
C ASP A 56 -31.12 10.61 23.40
N GLY A 57 -30.33 11.49 22.79
CA GLY A 57 -30.60 11.96 21.45
C GLY A 57 -29.42 11.60 20.57
N PRO A 58 -28.74 12.60 20.03
CA PRO A 58 -27.41 12.35 19.48
C PRO A 58 -26.36 12.44 20.59
N ALA A 59 -25.67 11.33 20.86
CA ALA A 59 -24.70 11.33 21.94
C ALA A 59 -23.55 12.31 21.68
N GLN A 60 -23.06 12.35 20.44
CA GLN A 60 -22.00 13.30 20.11
C GLN A 60 -22.47 14.73 20.32
N ALA A 61 -23.76 15.00 20.06
CA ALA A 61 -24.29 16.34 20.26
C ALA A 61 -24.20 16.75 21.72
N ARG A 62 -24.68 15.90 22.63
CA ARG A 62 -24.59 16.23 24.05
C ARG A 62 -23.15 16.34 24.50
N ILE A 63 -22.29 15.44 24.00
CA ILE A 63 -20.89 15.44 24.43
C ILE A 63 -20.21 16.75 24.04
N PHE A 64 -20.32 17.15 22.77
CA PHE A 64 -19.65 18.38 22.37
C PHE A 64 -20.41 19.63 22.80
N ALA A 65 -21.66 19.46 23.26
CA ALA A 65 -22.35 20.59 23.86
C ALA A 65 -21.80 20.88 25.24
N MET A 66 -21.54 19.83 26.02
CA MET A 66 -20.89 20.04 27.32
C MET A 66 -19.41 20.36 27.14
N GLU A 67 -18.85 20.01 25.98
CA GLU A 67 -17.47 20.34 25.65
C GLU A 67 -17.28 21.82 25.28
N SER A 68 -18.36 22.60 25.25
CA SER A 68 -18.28 23.99 24.80
C SER A 68 -18.70 24.99 25.87
N ASN A 69 -18.77 24.57 27.13
CA ASN A 69 -19.16 25.50 28.18
C ASN A 69 -18.03 26.50 28.43
N PRO A 70 -18.35 27.79 28.57
CA PRO A 70 -17.31 28.74 29.00
C PRO A 70 -16.68 28.36 30.32
N TYR A 71 -17.48 27.90 31.28
CA TYR A 71 -16.94 27.37 32.53
C TYR A 71 -16.00 26.21 32.26
N TYR A 72 -16.45 25.24 31.43
CA TYR A 72 -15.57 24.16 31.03
C TYR A 72 -14.27 24.71 30.48
N ARG A 73 -14.36 25.45 29.37
CA ARG A 73 -13.16 25.92 28.67
C ARG A 73 -12.18 26.60 29.63
N LYS A 74 -12.67 27.50 30.49
CA LYS A 74 -11.75 28.22 31.37
C LYS A 74 -11.10 27.27 32.38
N GLN A 75 -11.89 26.41 33.02
CA GLN A 75 -11.30 25.51 34.02
C GLN A 75 -10.37 24.49 33.37
N PHE A 76 -10.75 23.98 32.20
CA PHE A 76 -9.90 23.04 31.46
C PHE A 76 -8.57 23.68 31.10
N LYS A 77 -8.60 24.91 30.60
CA LYS A 77 -7.34 25.59 30.26
C LYS A 77 -6.49 25.79 31.51
N ALA A 78 -7.11 26.20 32.62
CA ALA A 78 -6.36 26.43 33.84
C ALA A 78 -5.70 25.14 34.34
N LYS A 79 -6.48 24.06 34.44
CA LYS A 79 -5.93 22.80 34.93
C LYS A 79 -4.90 22.22 33.98
N LEU A 80 -5.10 22.44 32.68
CA LEU A 80 -4.16 21.91 31.69
C LEU A 80 -2.83 22.65 31.77
N ASN A 81 -2.87 23.97 31.93
CA ASN A 81 -1.64 24.74 32.06
C ASN A 81 -1.01 24.59 33.43
N ALA A 82 -1.73 24.11 34.44
CA ALA A 82 -1.20 23.95 35.78
C ALA A 82 -0.51 22.62 36.01
N THR A 83 -0.55 21.69 35.05
CA THR A 83 0.05 20.38 35.24
C THR A 83 1.46 20.35 34.66
N LYS A 84 2.44 19.98 35.48
CA LYS A 84 3.81 19.91 35.02
C LYS A 84 3.97 18.80 33.98
N THR A 85 4.92 19.01 33.06
CA THR A 85 5.13 18.02 32.00
C THR A 85 5.99 16.86 32.50
N SER A 86 5.62 16.30 33.66
CA SER A 86 6.22 15.07 34.14
C SER A 86 5.17 14.14 34.73
N ASP A 87 3.91 14.59 34.80
CA ASP A 87 2.79 13.72 35.11
C ASP A 87 2.06 13.28 33.85
N LEU A 88 2.53 13.70 32.68
CA LEU A 88 1.95 13.29 31.40
C LEU A 88 2.86 12.29 30.70
N TRP A 89 4.13 12.65 30.47
CA TRP A 89 5.08 11.76 29.81
C TRP A 89 6.41 11.82 30.55
N ASN A 90 6.72 10.75 31.27
CA ASN A 90 8.01 10.52 31.88
C ASN A 90 8.54 9.17 31.38
N PRO A 91 9.87 8.96 31.36
CA PRO A 91 10.43 7.84 30.60
C PRO A 91 9.81 6.50 30.93
N LYS A 92 9.53 6.30 32.22
CA LYS A 92 9.06 5.01 32.69
C LYS A 92 7.66 4.71 32.15
N THR A 93 6.81 5.74 32.02
CA THR A 93 5.51 5.56 31.38
C THR A 93 5.66 5.19 29.91
N ALA A 94 6.63 5.78 29.20
CA ALA A 94 6.85 5.42 27.82
C ALA A 94 7.27 3.96 27.69
N LEU A 95 8.17 3.52 28.57
CA LEU A 95 8.56 2.11 28.57
C LEU A 95 7.35 1.22 28.83
N HIS A 96 6.50 1.60 29.79
CA HIS A 96 5.33 0.79 30.08
C HIS A 96 4.36 0.74 28.91
N GLU A 97 4.15 1.87 28.22
CA GLU A 97 3.22 1.87 27.09
C GLU A 97 3.73 1.02 25.94
N LEU A 98 5.01 1.16 25.60
CA LEU A 98 5.57 0.31 24.57
C LEU A 98 5.50 -1.16 24.96
N LEU A 99 5.75 -1.49 26.24
CA LEU A 99 5.64 -2.88 26.67
C LEU A 99 4.20 -3.39 26.58
N GLN A 100 3.23 -2.54 26.94
CA GLN A 100 1.83 -2.91 26.76
C GLN A 100 1.54 -3.26 25.30
N MET A 101 2.06 -2.45 24.38
CA MET A 101 1.81 -2.71 22.97
C MET A 101 2.52 -3.99 22.52
N VAL A 102 3.67 -4.30 23.13
CA VAL A 102 4.39 -5.52 22.78
C VAL A 102 3.63 -6.76 23.22
N ARG A 103 3.12 -6.79 24.45
CA ARG A 103 2.53 -8.01 25.01
C ARG A 103 1.05 -8.16 24.71
N ASP A 104 0.48 -7.28 23.91
CA ASP A 104 -0.93 -7.43 23.55
C ASP A 104 -1.05 -8.22 22.25
N PRO A 105 -1.72 -9.39 22.31
CA PRO A 105 -1.85 -10.21 21.09
C PRO A 105 -3.02 -9.80 20.22
N THR A 106 -3.16 -8.49 19.96
CA THR A 106 -4.20 -8.00 19.08
C THR A 106 -3.68 -6.82 18.26
N VAL A 107 -2.38 -6.58 18.25
CA VAL A 107 -1.80 -5.33 17.78
C VAL A 107 -1.24 -5.53 16.37
N LYS A 108 -1.61 -6.64 15.74
CA LYS A 108 -0.98 -7.06 14.49
C LYS A 108 0.51 -7.27 14.73
N ASP A 109 1.25 -7.67 13.71
CA ASP A 109 2.61 -8.11 13.95
C ASP A 109 3.66 -7.08 13.56
N SER A 110 3.42 -6.26 12.53
CA SER A 110 4.31 -5.17 12.19
C SER A 110 4.43 -4.15 13.31
N SER A 111 3.32 -3.81 13.96
CA SER A 111 3.37 -2.88 15.08
C SER A 111 4.17 -3.46 16.25
N ARG A 112 4.01 -4.75 16.54
CA ARG A 112 4.81 -5.35 17.60
C ARG A 112 6.28 -5.32 17.26
N LEU A 113 6.63 -5.62 16.01
CA LEU A 113 8.02 -5.54 15.60
C LEU A 113 8.57 -4.13 15.77
N SER A 114 7.82 -3.13 15.35
CA SER A 114 8.30 -1.76 15.50
C SER A 114 8.43 -1.36 16.96
N ALA A 115 7.51 -1.81 17.81
CA ALA A 115 7.62 -1.52 19.25
C ALA A 115 8.87 -2.15 19.83
N ILE A 116 9.18 -3.37 19.43
CA ILE A 116 10.42 -4.01 19.89
C ILE A 116 11.63 -3.21 19.41
N LYS A 117 11.58 -2.74 18.15
CA LYS A 117 12.67 -1.93 17.63
C LYS A 117 12.90 -0.68 18.47
N GLU A 118 11.82 0.00 18.84
CA GLU A 118 11.97 1.26 19.55
C GLU A 118 12.38 1.05 20.99
N LEU A 119 11.85 0.00 21.63
CA LEU A 119 12.36 -0.35 22.96
C LEU A 119 13.84 -0.71 22.89
N ASN A 120 14.28 -1.29 21.77
CA ASN A 120 15.68 -1.60 21.58
C ASN A 120 16.51 -0.33 21.48
N VAL A 121 16.02 0.63 20.69
CA VAL A 121 16.74 1.87 20.42
C VAL A 121 16.85 2.69 21.71
N LEU A 122 15.77 2.79 22.47
CA LEU A 122 15.76 3.62 23.67
C LEU A 122 16.79 3.18 24.69
N ALA A 123 16.63 1.97 25.23
CA ALA A 123 17.43 1.58 26.39
C ALA A 123 18.73 0.89 25.99
N GLU A 124 19.46 1.48 25.02
CA GLU A 124 20.82 1.10 24.65
C GLU A 124 21.08 -0.40 24.77
N ILE A 125 20.16 -1.22 24.26
CA ILE A 125 20.12 -2.62 24.63
C ILE A 125 20.63 -3.44 23.45
N THR A 126 21.43 -2.81 22.59
CA THR A 126 22.02 -3.48 21.45
C THR A 126 23.14 -4.43 21.91
N PHE A 127 22.71 -5.54 22.52
CA PHE A 127 23.58 -6.58 23.05
C PHE A 127 24.43 -6.08 24.22
N VAL A 128 24.10 -4.91 24.75
CA VAL A 128 24.86 -4.35 25.86
C VAL A 128 23.94 -3.89 26.98
N GLN B 14 -35.37 30.54 10.33
CA GLN B 14 -34.74 30.56 9.02
C GLN B 14 -34.45 29.15 8.51
N GLU B 15 -35.48 28.50 7.98
CA GLU B 15 -35.34 27.17 7.39
C GLU B 15 -35.04 27.24 5.90
N PHE B 16 -34.88 28.45 5.37
CA PHE B 16 -34.51 28.65 3.97
C PHE B 16 -33.00 28.71 3.84
N ALA B 17 -32.51 29.05 2.65
CA ALA B 17 -31.09 29.31 2.45
C ALA B 17 -30.88 30.79 2.12
N ASP B 18 -30.79 31.62 3.14
CA ASP B 18 -30.73 33.07 2.98
C ASP B 18 -29.43 33.61 3.52
N PRO B 19 -28.57 34.19 2.67
CA PRO B 19 -27.35 34.80 3.19
C PRO B 19 -27.60 35.99 4.09
N HIS B 20 -28.26 37.04 3.58
CA HIS B 20 -28.41 38.27 4.32
C HIS B 20 -29.70 38.27 5.14
N PHE B 21 -29.59 37.87 6.40
CA PHE B 21 -30.66 38.02 7.37
C PHE B 21 -30.06 38.43 8.70
N ALA B 22 -28.82 38.93 8.67
CA ALA B 22 -28.09 39.31 9.86
C ALA B 22 -28.67 40.59 10.45
N ALA B 23 -28.04 41.06 11.54
CA ALA B 23 -28.44 42.20 12.36
C ALA B 23 -29.74 41.95 13.11
N ILE B 24 -30.39 40.82 12.88
CA ILE B 24 -31.51 40.37 13.71
C ILE B 24 -31.09 39.27 14.65
N ASN B 25 -30.36 38.28 14.13
CA ASN B 25 -29.70 37.24 14.93
C ASN B 25 -28.21 37.55 14.87
N GLN B 26 -27.72 38.30 15.84
CA GLN B 26 -26.33 38.74 15.81
C GLN B 26 -25.51 38.08 16.91
N LYS B 27 -26.11 37.83 18.07
CA LYS B 27 -25.41 37.12 19.13
C LYS B 27 -25.14 35.67 18.77
N ARG B 28 -26.02 35.02 18.03
CA ARG B 28 -25.77 33.66 17.58
C ARG B 28 -24.61 33.60 16.59
N PHE B 29 -24.53 34.58 15.69
CA PHE B 29 -23.42 34.62 14.75
C PHE B 29 -22.08 34.84 15.43
N ASP B 30 -22.05 35.46 16.61
CA ASP B 30 -20.77 35.64 17.29
C ASP B 30 -20.29 34.34 17.92
N LEU B 31 -21.20 33.55 18.49
CA LEU B 31 -20.82 32.24 19.04
C LEU B 31 -20.28 31.34 17.95
N TYR B 32 -20.95 31.33 16.78
CA TYR B 32 -20.49 30.54 15.65
C TYR B 32 -19.10 30.98 15.20
N ILE B 33 -18.90 32.29 15.09
CA ILE B 33 -17.61 32.80 14.62
C ILE B 33 -16.50 32.42 15.60
N ASP B 34 -16.78 32.56 16.90
CA ASP B 34 -15.75 32.24 17.89
C ASP B 34 -15.43 30.75 17.91
N LEU B 35 -16.46 29.90 17.90
CA LEU B 35 -16.22 28.46 17.91
C LEU B 35 -15.49 28.02 16.65
N ARG B 36 -15.78 28.65 15.51
CA ARG B 36 -15.09 28.28 14.28
C ARG B 36 -13.66 28.77 14.29
N VAL B 37 -13.42 29.99 14.79
CA VAL B 37 -12.08 30.55 14.78
C VAL B 37 -11.18 29.80 15.76
N GLN B 38 -11.77 29.21 16.81
CA GLN B 38 -10.97 28.39 17.69
C GLN B 38 -10.47 27.14 16.98
N GLY B 39 -11.17 26.69 15.95
CA GLY B 39 -10.68 25.63 15.08
C GLY B 39 -11.58 24.43 14.95
N TYR B 40 -12.65 24.30 15.74
CA TYR B 40 -13.48 23.12 15.61
C TYR B 40 -14.21 23.13 14.27
N SER B 41 -14.58 21.94 13.82
CA SER B 41 -15.08 21.78 12.46
C SER B 41 -16.46 22.41 12.31
N SER B 42 -16.87 22.57 11.06
CA SER B 42 -18.23 22.96 10.75
C SER B 42 -19.15 21.77 10.89
N TRP B 43 -20.35 21.88 10.31
CA TRP B 43 -21.38 20.86 10.42
C TRP B 43 -21.91 20.78 11.84
N ARG B 44 -21.08 20.36 12.80
CA ARG B 44 -21.64 20.17 14.13
C ARG B 44 -21.96 21.51 14.78
N VAL B 45 -21.05 22.49 14.65
CA VAL B 45 -21.28 23.80 15.26
C VAL B 45 -22.64 24.33 14.87
N PHE B 46 -23.09 24.01 13.66
CA PHE B 46 -24.45 24.32 13.24
C PHE B 46 -25.47 23.61 14.12
N ARG B 47 -25.23 22.34 14.44
CA ARG B 47 -26.13 21.62 15.32
C ARG B 47 -26.16 22.27 16.70
N ALA B 48 -25.01 22.73 17.16
CA ALA B 48 -24.86 23.32 18.49
C ALA B 48 -25.62 24.62 18.61
N ILE B 49 -25.42 25.53 17.66
CA ILE B 49 -25.90 26.89 17.84
C ILE B 49 -27.27 27.08 17.20
N TRP B 50 -27.56 26.33 16.14
CA TRP B 50 -28.84 26.45 15.45
C TRP B 50 -29.72 25.23 15.66
N GLY B 51 -29.52 24.52 16.77
CA GLY B 51 -30.40 23.43 17.10
C GLY B 51 -30.32 22.29 16.11
N GLU B 52 -31.45 21.59 15.95
CA GLU B 52 -31.55 20.43 15.08
C GLU B 52 -32.19 20.76 13.74
N GLU B 53 -31.91 21.95 13.20
CA GLU B 53 -32.44 22.36 11.91
C GLU B 53 -31.74 21.65 10.77
N HIS B 54 -30.93 20.64 11.08
CA HIS B 54 -30.26 19.86 10.06
C HIS B 54 -31.28 19.06 9.24
N MET B 55 -30.87 18.70 8.03
CA MET B 55 -31.68 17.95 7.08
C MET B 55 -32.98 18.69 6.74
N ASP B 56 -33.00 20.01 6.91
CA ASP B 56 -34.15 20.81 6.50
C ASP B 56 -34.31 20.70 4.99
N GLY B 57 -33.30 21.13 4.25
CA GLY B 57 -33.17 20.81 2.84
C GLY B 57 -31.87 20.06 2.65
N PRO B 58 -30.96 20.64 1.87
CA PRO B 58 -29.57 20.17 1.92
C PRO B 58 -28.82 20.86 3.05
N ALA B 59 -28.36 20.09 4.04
CA ALA B 59 -27.69 20.68 5.18
C ALA B 59 -26.40 21.40 4.77
N GLN B 60 -25.62 20.79 3.88
CA GLN B 60 -24.40 21.43 3.40
C GLN B 60 -24.73 22.74 2.69
N ALA B 61 -25.87 22.80 2.00
CA ALA B 61 -26.26 24.02 1.32
C ALA B 61 -26.47 25.16 2.31
N ARG B 62 -27.26 24.91 3.37
CA ARG B 62 -27.49 25.95 4.36
C ARG B 62 -26.18 26.32 5.06
N ILE B 63 -25.36 25.32 5.37
CA ILE B 63 -24.11 25.58 6.09
C ILE B 63 -23.20 26.50 5.28
N PHE B 64 -22.94 26.15 4.02
CA PHE B 64 -22.04 26.99 3.24
C PHE B 64 -22.74 28.25 2.72
N ALA B 65 -24.06 28.33 2.84
CA ALA B 65 -24.73 29.59 2.55
C ALA B 65 -24.50 30.59 3.68
N MET B 66 -24.58 30.11 4.92
CA MET B 66 -24.24 31.00 6.04
C MET B 66 -22.74 31.21 6.13
N GLU B 67 -21.95 30.32 5.52
CA GLU B 67 -20.50 30.46 5.47
C GLU B 67 -20.04 31.51 4.45
N SER B 68 -20.98 32.13 3.72
CA SER B 68 -20.63 33.06 2.65
C SER B 68 -21.16 34.47 2.89
N ASN B 69 -21.59 34.79 4.11
CA ASN B 69 -22.10 36.13 4.38
C ASN B 69 -20.94 37.13 4.36
N PRO B 70 -21.12 38.29 3.73
CA PRO B 70 -20.11 39.35 3.85
C PRO B 70 -19.87 39.74 5.30
N TYR B 71 -20.94 39.85 6.10
CA TYR B 71 -20.78 40.08 7.53
C TYR B 71 -19.95 38.97 8.17
N TYR B 72 -20.31 37.71 7.88
CA TYR B 72 -19.50 36.60 8.36
C TYR B 72 -18.04 36.81 7.98
N ARG B 73 -17.77 36.83 6.67
CA ARG B 73 -16.39 36.90 6.19
C ARG B 73 -15.59 37.99 6.87
N LYS B 74 -16.16 39.20 6.97
CA LYS B 74 -15.40 40.30 7.56
C LYS B 74 -15.13 40.06 9.05
N GLN B 75 -16.16 39.66 9.81
CA GLN B 75 -15.94 39.44 11.23
C GLN B 75 -15.03 38.25 11.49
N PHE B 76 -15.16 37.19 10.70
CA PHE B 76 -14.29 36.03 10.83
C PHE B 76 -12.85 36.41 10.57
N LYS B 77 -12.60 37.17 9.51
CA LYS B 77 -11.23 37.60 9.23
C LYS B 77 -10.67 38.45 10.36
N ALA B 78 -11.50 39.38 10.87
CA ALA B 78 -11.04 40.24 11.96
C ALA B 78 -10.68 39.44 13.21
N LYS B 79 -11.58 38.56 13.64
CA LYS B 79 -11.35 37.77 14.84
C LYS B 79 -10.19 36.80 14.65
N LEU B 80 -10.04 36.28 13.43
CA LEU B 80 -8.96 35.33 13.15
C LEU B 80 -7.61 36.03 13.20
N ASN B 81 -7.53 37.23 12.63
CA ASN B 81 -6.28 37.98 12.68
C ASN B 81 -6.02 38.60 14.03
N ALA B 82 -7.03 38.70 14.90
CA ALA B 82 -6.85 39.31 16.21
C ALA B 82 -6.42 38.32 17.28
N THR B 83 -6.33 37.03 16.97
CA THR B 83 -5.97 36.02 17.97
C THR B 83 -4.47 35.73 17.89
N LYS B 84 -3.78 35.87 19.02
CA LYS B 84 -2.35 35.60 19.06
C LYS B 84 -2.08 34.13 18.83
N THR B 85 -0.92 33.82 18.25
CA THR B 85 -0.59 32.43 17.95
C THR B 85 -0.03 31.74 19.20
N SER B 86 -0.74 31.88 20.32
CA SER B 86 -0.42 31.10 21.51
C SER B 86 -1.70 30.61 22.19
N ASP B 87 -2.87 30.99 21.67
CA ASP B 87 -4.13 30.40 22.07
C ASP B 87 -4.58 29.34 21.08
N LEU B 88 -3.79 29.08 20.04
CA LEU B 88 -4.10 28.03 19.06
C LEU B 88 -3.18 26.83 19.25
N TRP B 89 -1.86 27.04 19.23
CA TRP B 89 -0.88 25.97 19.41
C TRP B 89 0.22 26.44 20.34
N ASN B 90 0.21 25.93 21.57
CA ASN B 90 1.27 26.09 22.54
C ASN B 90 1.73 24.71 22.97
N PRO B 91 2.99 24.55 23.43
CA PRO B 91 3.57 23.20 23.54
C PRO B 91 2.73 22.23 24.35
N LYS B 92 2.13 22.75 25.41
CA LYS B 92 1.39 21.89 26.33
C LYS B 92 0.15 21.32 25.67
N THR B 93 -0.51 22.10 24.80
CA THR B 93 -1.63 21.57 24.02
C THR B 93 -1.17 20.48 23.06
N ALA B 94 0.00 20.64 22.45
CA ALA B 94 0.51 19.58 21.57
C ALA B 94 0.76 18.30 22.34
N LEU B 95 1.35 18.41 23.53
CA LEU B 95 1.54 17.23 24.36
C LEU B 95 0.21 16.59 24.71
N HIS B 96 -0.78 17.40 25.06
CA HIS B 96 -2.09 16.84 25.41
C HIS B 96 -2.75 16.16 24.21
N GLU B 97 -2.64 16.73 23.01
CA GLU B 97 -3.26 16.12 21.85
C GLU B 97 -2.59 14.80 21.49
N LEU B 98 -1.26 14.76 21.49
CA LEU B 98 -0.59 13.50 21.25
C LEU B 98 -0.93 12.47 22.31
N LEU B 99 -1.04 12.87 23.58
CA LEU B 99 -1.43 11.93 24.63
C LEU B 99 -2.85 11.42 24.43
N GLN B 100 -3.77 12.30 24.01
CA GLN B 100 -5.11 11.85 23.67
C GLN B 100 -5.08 10.79 22.60
N MET B 101 -4.26 10.98 21.57
CA MET B 101 -4.18 10.01 20.50
C MET B 101 -3.56 8.70 20.99
N VAL B 102 -2.64 8.80 21.96
CA VAL B 102 -2.02 7.60 22.50
C VAL B 102 -3.01 6.75 23.29
N ARG B 103 -3.80 7.38 24.17
CA ARG B 103 -4.65 6.63 25.10
C ARG B 103 -6.02 6.30 24.54
N ASP B 104 -6.28 6.62 23.28
CA ASP B 104 -7.55 6.26 22.67
C ASP B 104 -7.47 4.89 22.00
N PRO B 105 -8.26 3.92 22.47
CA PRO B 105 -8.20 2.57 21.88
C PRO B 105 -9.07 2.42 20.63
N THR B 106 -8.97 3.39 19.72
CA THR B 106 -9.70 3.32 18.46
C THR B 106 -8.84 3.89 17.32
N VAL B 107 -7.56 4.12 17.55
CA VAL B 107 -6.73 4.94 16.68
C VAL B 107 -5.89 4.03 15.80
N LYS B 108 -6.22 2.73 15.74
CA LYS B 108 -5.37 1.73 15.12
C LYS B 108 -4.02 1.72 15.84
N ASP B 109 -3.10 0.86 15.41
CA ASP B 109 -1.91 0.64 16.21
C ASP B 109 -0.67 1.33 15.65
N SER B 110 -0.56 1.47 14.33
CA SER B 110 0.52 2.23 13.73
C SER B 110 0.49 3.70 14.13
N SER B 111 -0.69 4.31 14.17
CA SER B 111 -0.79 5.69 14.62
C SER B 111 -0.38 5.85 16.08
N ARG B 112 -0.78 4.92 16.94
CA ARG B 112 -0.34 4.98 18.34
C ARG B 112 1.17 4.87 18.44
N LEU B 113 1.76 3.94 17.67
CA LEU B 113 3.22 3.83 17.68
C LEU B 113 3.88 5.12 17.24
N SER B 114 3.38 5.74 16.18
CA SER B 114 3.98 6.98 15.72
C SER B 114 3.80 8.10 16.73
N ALA B 115 2.66 8.16 17.40
CA ALA B 115 2.46 9.17 18.43
C ALA B 115 3.44 8.98 19.58
N ILE B 116 3.68 7.73 19.98
CA ILE B 116 4.68 7.48 21.01
C ILE B 116 6.06 7.92 20.54
N LYS B 117 6.36 7.65 19.27
CA LYS B 117 7.65 8.08 18.71
C LYS B 117 7.82 9.59 18.80
N GLU B 118 6.78 10.34 18.46
CA GLU B 118 6.91 11.79 18.41
C GLU B 118 6.93 12.39 19.81
N LEU B 119 6.14 11.82 20.73
CA LEU B 119 6.26 12.25 22.13
C LEU B 119 7.65 11.95 22.66
N ASN B 120 8.26 10.87 22.17
CA ASN B 120 9.63 10.53 22.56
C ASN B 120 10.61 11.59 22.04
N VAL B 121 10.45 11.95 20.78
CA VAL B 121 11.36 12.88 20.12
C VAL B 121 11.27 14.26 20.75
N LEU B 122 10.05 14.72 21.03
CA LEU B 122 9.85 16.07 21.57
C LEU B 122 10.54 16.26 22.90
N ALA B 123 10.10 15.53 23.93
CA ALA B 123 10.56 15.83 25.28
C ALA B 123 11.81 15.08 25.67
N GLU B 124 12.82 15.07 24.79
CA GLU B 124 14.17 14.58 25.04
C GLU B 124 14.20 13.39 25.99
N ILE B 125 13.34 12.41 25.76
CA ILE B 125 13.03 11.40 26.77
C ILE B 125 13.70 10.10 26.37
N THR B 126 14.76 10.20 25.57
CA THR B 126 15.53 9.03 25.16
C THR B 126 16.37 8.51 26.33
N PHE B 127 15.67 7.89 27.28
CA PHE B 127 16.25 7.31 28.48
C PHE B 127 16.85 8.37 29.40
N VAL B 128 16.55 9.64 29.14
CA VAL B 128 17.08 10.73 29.95
C VAL B 128 15.98 11.69 30.37
N GLN C 14 -32.75 30.45 -17.09
CA GLN C 14 -31.82 29.79 -17.98
C GLN C 14 -31.60 28.34 -17.58
N GLU C 15 -32.54 27.47 -17.96
CA GLU C 15 -32.43 26.04 -17.72
C GLU C 15 -31.77 25.31 -18.88
N PHE C 16 -31.34 26.05 -19.90
CA PHE C 16 -30.62 25.48 -21.02
C PHE C 16 -29.13 25.50 -20.76
N ALA C 17 -28.32 25.17 -21.77
CA ALA C 17 -26.88 25.32 -21.67
C ALA C 17 -26.41 26.39 -22.65
N ASP C 18 -26.46 27.65 -22.23
CA ASP C 18 -26.19 28.78 -23.11
C ASP C 18 -25.00 29.56 -22.59
N PRO C 19 -23.91 29.63 -23.34
CA PRO C 19 -22.76 30.45 -22.91
C PRO C 19 -23.09 31.94 -22.87
N HIS C 20 -23.46 32.51 -24.01
CA HIS C 20 -23.64 33.96 -24.08
C HIS C 20 -25.07 34.36 -23.78
N PHE C 21 -25.33 34.70 -22.52
CA PHE C 21 -26.57 35.32 -22.10
C PHE C 21 -26.26 36.39 -21.05
N ALA C 22 -25.00 36.82 -21.02
CA ALA C 22 -24.54 37.79 -20.05
C ALA C 22 -25.09 39.19 -20.38
N ALA C 23 -24.68 40.17 -19.58
CA ALA C 23 -25.12 41.57 -19.62
C ALA C 23 -26.59 41.72 -19.23
N ILE C 24 -27.30 40.63 -18.99
CA ILE C 24 -28.64 40.66 -18.41
C ILE C 24 -28.59 40.24 -16.95
N ASN C 25 -27.89 39.15 -16.67
CA ASN C 25 -27.58 38.71 -15.31
C ASN C 25 -26.09 38.96 -15.10
N GLN C 26 -25.76 40.15 -14.57
CA GLN C 26 -24.36 40.54 -14.45
C GLN C 26 -23.92 40.58 -12.99
N LYS C 27 -24.81 40.98 -12.09
CA LYS C 27 -24.49 40.96 -10.67
C LYS C 27 -24.31 39.55 -10.13
N ARG C 28 -25.06 38.58 -10.64
CA ARG C 28 -24.88 37.19 -10.22
C ARG C 28 -23.53 36.64 -10.69
N PHE C 29 -23.11 37.00 -11.90
CA PHE C 29 -21.82 36.56 -12.39
C PHE C 29 -20.66 37.14 -11.58
N ASP C 30 -20.84 38.29 -10.94
CA ASP C 30 -19.75 38.83 -10.13
C ASP C 30 -19.60 38.08 -8.81
N LEU C 31 -20.72 37.70 -8.19
CA LEU C 31 -20.65 36.90 -6.97
C LEU C 31 -19.97 35.57 -7.24
N TYR C 32 -20.33 34.92 -8.36
CA TYR C 32 -19.72 33.66 -8.73
C TYR C 32 -18.22 33.82 -8.96
N ILE C 33 -17.83 34.88 -9.68
CA ILE C 33 -16.41 35.09 -9.96
C ILE C 33 -15.63 35.33 -8.68
N ASP C 34 -16.20 36.12 -7.77
CA ASP C 34 -15.49 36.42 -6.53
C ASP C 34 -15.37 35.17 -5.65
N LEU C 35 -16.46 34.42 -5.50
CA LEU C 35 -16.42 33.22 -4.67
C LEU C 35 -15.47 32.19 -5.26
N ARG C 36 -15.39 32.11 -6.59
CA ARG C 36 -14.48 31.15 -7.21
C ARG C 36 -13.03 31.62 -7.07
N VAL C 37 -12.77 32.91 -7.24
CA VAL C 37 -11.41 33.41 -7.17
C VAL C 37 -10.89 33.33 -5.75
N GLN C 38 -11.77 33.37 -4.75
CA GLN C 38 -11.31 33.17 -3.39
C GLN C 38 -10.82 31.76 -3.18
N GLY C 39 -11.29 30.80 -3.97
CA GLY C 39 -10.75 29.47 -4.00
C GLY C 39 -11.74 28.35 -3.72
N TYR C 40 -12.97 28.64 -3.31
CA TYR C 40 -13.89 27.54 -3.02
C TYR C 40 -14.26 26.81 -4.31
N SER C 41 -14.65 25.56 -4.15
CA SER C 41 -14.83 24.68 -5.31
C SER C 41 -16.05 25.11 -6.13
N SER C 42 -16.12 24.56 -7.34
CA SER C 42 -17.30 24.70 -8.17
C SER C 42 -18.37 23.75 -7.68
N TRP C 43 -19.37 23.50 -8.53
CA TRP C 43 -20.51 22.66 -8.20
C TRP C 43 -21.38 23.34 -7.14
N ARG C 44 -20.86 23.53 -5.93
CA ARG C 44 -21.74 24.05 -4.90
C ARG C 44 -22.04 25.53 -5.15
N VAL C 45 -21.03 26.31 -5.52
CA VAL C 45 -21.22 27.73 -5.76
C VAL C 45 -22.38 27.94 -6.74
N PHE C 46 -22.56 27.02 -7.67
CA PHE C 46 -23.71 27.02 -8.54
C PHE C 46 -25.00 26.86 -7.73
N ARG C 47 -25.01 25.97 -6.75
CA ARG C 47 -26.18 25.80 -5.89
C ARG C 47 -26.47 27.08 -5.14
N ALA C 48 -25.40 27.74 -4.68
CA ALA C 48 -25.52 28.95 -3.87
C ALA C 48 -26.11 30.11 -4.65
N ILE C 49 -25.58 30.37 -5.84
CA ILE C 49 -25.90 31.61 -6.54
C ILE C 49 -27.05 31.39 -7.52
N TRP C 50 -27.16 30.18 -8.07
CA TRP C 50 -28.21 29.89 -9.05
C TRP C 50 -29.25 28.94 -8.48
N GLY C 51 -29.43 28.94 -7.16
CA GLY C 51 -30.50 28.17 -6.55
C GLY C 51 -30.32 26.68 -6.75
N GLU C 52 -31.45 25.98 -6.82
CA GLU C 52 -31.48 24.52 -6.95
C GLU C 52 -31.73 24.08 -8.39
N GLU C 53 -31.18 24.81 -9.36
CA GLU C 53 -31.33 24.45 -10.77
C GLU C 53 -30.46 23.25 -11.13
N HIS C 54 -29.89 22.59 -10.13
CA HIS C 54 -29.10 21.40 -10.37
C HIS C 54 -29.97 20.27 -10.90
N MET C 55 -29.32 19.32 -11.59
CA MET C 55 -29.99 18.16 -12.18
C MET C 55 -31.05 18.57 -13.19
N ASP C 56 -30.95 19.78 -13.74
CA ASP C 56 -31.85 20.21 -14.81
C ASP C 56 -31.66 19.31 -16.02
N GLY C 57 -30.45 19.29 -16.57
CA GLY C 57 -30.03 18.28 -17.50
C GLY C 57 -28.82 17.57 -16.93
N PRO C 58 -27.69 17.67 -17.60
CA PRO C 58 -26.42 17.35 -16.95
C PRO C 58 -25.89 18.55 -16.19
N ALA C 59 -25.78 18.43 -14.86
CA ALA C 59 -25.34 19.57 -14.06
C ALA C 59 -23.92 19.97 -14.42
N GLN C 60 -23.02 19.00 -14.61
CA GLN C 60 -21.65 19.33 -15.01
C GLN C 60 -21.63 20.05 -16.34
N ALA C 61 -22.55 19.70 -17.24
CA ALA C 61 -22.61 20.36 -18.54
C ALA C 61 -22.92 21.85 -18.37
N ARG C 62 -23.96 22.17 -17.61
CA ARG C 62 -24.29 23.58 -17.40
C ARG C 62 -23.16 24.31 -16.67
N ILE C 63 -22.56 23.64 -15.69
CA ILE C 63 -21.50 24.28 -14.90
C ILE C 63 -20.31 24.64 -15.78
N PHE C 64 -19.81 23.69 -16.56
CA PHE C 64 -18.65 24.01 -17.39
C PHE C 64 -19.04 24.78 -18.63
N ALA C 65 -20.33 24.88 -18.94
CA ALA C 65 -20.76 25.77 -20.01
C ALA C 65 -20.68 27.22 -19.56
N MET C 66 -21.11 27.48 -18.32
CA MET C 66 -20.95 28.83 -17.79
C MET C 66 -19.49 29.10 -17.41
N GLU C 67 -18.70 28.05 -17.22
CA GLU C 67 -17.27 28.16 -16.96
C GLU C 67 -16.46 28.53 -18.20
N SER C 68 -17.10 28.64 -19.37
CA SER C 68 -16.39 28.86 -20.62
C SER C 68 -16.78 30.17 -21.30
N ASN C 69 -17.45 31.07 -20.60
CA ASN C 69 -17.83 32.34 -21.22
C ASN C 69 -16.61 33.21 -21.44
N PRO C 70 -16.48 33.83 -22.61
CA PRO C 70 -15.41 34.82 -22.77
C PRO C 70 -15.47 35.93 -21.75
N TYR C 71 -16.68 36.42 -21.44
CA TYR C 71 -16.85 37.39 -20.35
C TYR C 71 -16.34 36.81 -19.04
N TYR C 72 -16.77 35.59 -18.72
CA TYR C 72 -16.25 34.92 -17.53
C TYR C 72 -14.73 34.93 -17.55
N ARG C 73 -14.14 34.26 -18.55
CA ARG C 73 -12.69 34.09 -18.60
C ARG C 73 -11.96 35.41 -18.40
N LYS C 74 -12.38 36.47 -19.10
CA LYS C 74 -11.65 37.73 -18.98
C LYS C 74 -11.78 38.33 -17.58
N GLN C 75 -13.00 38.36 -17.03
CA GLN C 75 -13.17 38.95 -15.71
C GLN C 75 -12.50 38.11 -14.63
N PHE C 76 -12.57 36.78 -14.76
CA PHE C 76 -11.91 35.89 -13.82
C PHE C 76 -10.40 36.10 -13.83
N LYS C 77 -9.81 36.19 -15.02
CA LYS C 77 -8.37 36.44 -15.10
C LYS C 77 -8.02 37.78 -14.47
N ALA C 78 -8.81 38.81 -14.76
CA ALA C 78 -8.53 40.14 -14.21
C ALA C 78 -8.59 40.12 -12.68
N LYS C 79 -9.67 39.59 -12.12
CA LYS C 79 -9.83 39.58 -10.68
C LYS C 79 -8.80 38.67 -10.01
N LEU C 80 -8.41 37.59 -10.69
CA LEU C 80 -7.42 36.67 -10.12
C LEU C 80 -6.05 37.32 -10.08
N ASN C 81 -5.69 38.04 -11.15
CA ASN C 81 -4.40 38.73 -11.17
C ASN C 81 -4.40 39.98 -10.32
N ALA C 82 -5.57 40.50 -9.95
CA ALA C 82 -5.64 41.71 -9.14
C ALA C 82 -5.61 41.47 -7.64
N THR C 83 -5.60 40.21 -7.20
CA THR C 83 -5.63 39.91 -5.77
C THR C 83 -4.21 39.65 -5.28
N LYS C 84 -3.80 40.39 -4.24
CA LYS C 84 -2.46 40.22 -3.70
C LYS C 84 -2.33 38.85 -3.03
N THR C 85 -1.12 38.30 -3.04
CA THR C 85 -0.89 36.99 -2.46
C THR C 85 -0.74 37.08 -0.95
N SER C 86 -1.68 37.78 -0.30
CA SER C 86 -1.77 37.77 1.16
C SER C 86 -3.22 37.68 1.62
N ASP C 87 -4.16 37.70 0.68
CA ASP C 87 -5.55 37.38 0.97
C ASP C 87 -5.88 35.93 0.60
N LEU C 88 -4.90 35.18 0.10
CA LEU C 88 -5.09 33.77 -0.23
C LEU C 88 -4.39 32.89 0.79
N TRP C 89 -3.09 33.09 1.02
CA TRP C 89 -2.34 32.30 1.99
C TRP C 89 -1.44 33.22 2.81
N ASN C 90 -1.81 33.45 4.06
CA ASN C 90 -0.99 34.13 5.05
C ASN C 90 -0.84 33.19 6.24
N PRO C 91 0.24 33.34 7.03
CA PRO C 91 0.62 32.27 7.99
C PRO C 91 -0.52 31.85 8.91
N LYS C 92 -1.29 32.85 9.35
CA LYS C 92 -2.32 32.60 10.33
C LYS C 92 -3.44 31.73 9.76
N THR C 93 -3.76 31.91 8.48
CA THR C 93 -4.71 31.01 7.82
C THR C 93 -4.18 29.59 7.72
N ALA C 94 -2.88 29.42 7.47
CA ALA C 94 -2.31 28.09 7.44
C ALA C 94 -2.42 27.41 8.79
N LEU C 95 -2.11 28.16 9.87
CA LEU C 95 -2.28 27.61 11.20
C LEU C 95 -3.72 27.22 11.46
N HIS C 96 -4.67 28.07 11.05
CA HIS C 96 -6.07 27.74 11.27
C HIS C 96 -6.50 26.52 10.47
N GLU C 97 -6.03 26.36 9.23
CA GLU C 97 -6.43 25.21 8.43
C GLU C 97 -5.87 23.91 9.02
N LEU C 98 -4.59 23.92 9.39
CA LEU C 98 -4.04 22.74 10.04
C LEU C 98 -4.76 22.42 11.35
N LEU C 99 -5.12 23.44 12.14
CA LEU C 99 -5.86 23.19 13.36
C LEU C 99 -7.24 22.62 13.09
N GLN C 100 -7.92 23.12 12.05
CA GLN C 100 -9.19 22.53 11.63
C GLN C 100 -9.03 21.05 11.33
N MET C 101 -7.97 20.69 10.61
CA MET C 101 -7.76 19.30 10.27
C MET C 101 -7.43 18.47 11.51
N VAL C 102 -6.77 19.09 12.50
CA VAL C 102 -6.45 18.38 13.74
C VAL C 102 -7.70 18.06 14.54
N ARG C 103 -8.60 19.04 14.72
CA ARG C 103 -9.73 18.89 15.62
C ARG C 103 -10.96 18.27 14.97
N ASP C 104 -10.86 17.86 13.72
CA ASP C 104 -11.99 17.20 13.06
C ASP C 104 -11.92 15.69 13.26
N PRO C 105 -12.91 15.10 13.93
CA PRO C 105 -12.87 13.65 14.16
C PRO C 105 -13.42 12.84 13.00
N THR C 106 -12.99 13.16 11.78
CA THR C 106 -13.40 12.42 10.59
C THR C 106 -12.23 12.32 9.60
N VAL C 107 -11.02 12.65 10.03
CA VAL C 107 -9.90 12.90 9.12
C VAL C 107 -8.99 11.69 9.10
N LYS C 108 -9.47 10.57 9.64
CA LYS C 108 -8.61 9.41 9.89
C LYS C 108 -7.50 9.80 10.84
N ASP C 109 -6.62 8.88 11.19
CA ASP C 109 -5.69 9.14 12.27
C ASP C 109 -4.28 9.46 11.79
N SER C 110 -3.84 8.88 10.69
CA SER C 110 -2.55 9.23 10.10
C SER C 110 -2.49 10.69 9.65
N SER C 111 -3.57 11.19 9.05
CA SER C 111 -3.61 12.59 8.66
C SER C 111 -3.54 13.51 9.88
N ARG C 112 -4.25 13.18 10.96
CA ARG C 112 -4.16 13.99 12.16
C ARG C 112 -2.74 13.98 12.72
N LEU C 113 -2.10 12.81 12.74
CA LEU C 113 -0.72 12.76 13.20
C LEU C 113 0.18 13.64 12.35
N SER C 114 0.04 13.57 11.03
CA SER C 114 0.89 14.40 10.17
C SER C 114 0.61 15.87 10.37
N ALA C 115 -0.66 16.25 10.58
CA ALA C 115 -0.97 17.65 10.83
C ALA C 115 -0.32 18.14 12.12
N ILE C 116 -0.35 17.29 13.16
CA ILE C 116 0.33 17.65 14.40
C ILE C 116 1.83 17.81 14.16
N LYS C 117 2.40 16.91 13.35
CA LYS C 117 3.82 17.01 13.03
C LYS C 117 4.15 18.34 12.37
N GLU C 118 3.32 18.76 11.41
CA GLU C 118 3.65 19.97 10.66
C GLU C 118 3.40 21.22 11.48
N LEU C 119 2.35 21.22 12.32
CA LEU C 119 2.18 22.32 13.26
C LEU C 119 3.35 22.38 14.22
N ASN C 120 3.93 21.23 14.56
CA ASN C 120 5.10 21.19 15.41
C ASN C 120 6.30 21.82 14.71
N VAL C 121 6.50 21.46 13.44
CA VAL C 121 7.65 21.92 12.68
C VAL C 121 7.58 23.42 12.45
N LEU C 122 6.39 23.92 12.11
CA LEU C 122 6.24 25.34 11.79
C LEU C 122 6.60 26.24 12.97
N ALA C 123 5.85 26.15 14.06
CA ALA C 123 5.99 27.14 15.12
C ALA C 123 7.02 26.74 16.17
N GLU C 124 8.19 26.30 15.72
CA GLU C 124 9.37 26.05 16.55
C GLU C 124 9.03 25.55 17.95
N ILE C 125 8.13 24.57 18.04
CA ILE C 125 7.46 24.25 19.29
C ILE C 125 8.05 22.96 19.83
N THR C 126 9.27 22.64 19.42
CA THR C 126 9.96 21.45 19.90
C THR C 126 10.43 21.65 21.34
N PHE C 127 9.44 21.62 22.25
CA PHE C 127 9.64 21.78 23.69
C PHE C 127 10.13 23.19 24.03
N VAL C 128 10.06 24.11 23.08
CA VAL C 128 10.51 25.48 23.32
C VAL C 128 9.46 26.48 22.86
N GLN D 14 -23.63 15.79 -38.46
CA GLN D 14 -22.59 14.77 -38.59
C GLN D 14 -22.65 13.76 -37.45
N GLU D 15 -23.59 12.80 -37.56
CA GLU D 15 -23.72 11.72 -36.59
C GLU D 15 -22.88 10.51 -36.97
N PHE D 16 -22.13 10.60 -38.07
CA PHE D 16 -21.24 9.54 -38.50
C PHE D 16 -19.86 9.73 -37.88
N ALA D 17 -18.89 8.94 -38.32
CA ALA D 17 -17.50 9.15 -37.92
C ALA D 17 -16.68 9.55 -39.14
N ASP D 18 -16.69 10.83 -39.48
CA ASP D 18 -16.07 11.33 -40.70
C ASP D 18 -14.94 12.30 -40.35
N PRO D 19 -13.70 11.98 -40.71
CA PRO D 19 -12.60 12.94 -40.48
C PRO D 19 -12.74 14.20 -41.30
N HIS D 20 -12.76 14.08 -42.63
CA HIS D 20 -12.74 15.25 -43.48
C HIS D 20 -14.13 15.72 -43.83
N PHE D 21 -14.64 16.67 -43.06
CA PHE D 21 -15.87 17.38 -43.38
C PHE D 21 -15.68 18.85 -43.01
N ALA D 22 -14.43 19.28 -42.85
CA ALA D 22 -14.10 20.63 -42.45
C ALA D 22 -14.38 21.61 -43.59
N ALA D 23 -14.06 22.88 -43.34
CA ALA D 23 -14.30 24.02 -44.22
C ALA D 23 -15.79 24.33 -44.38
N ILE D 24 -16.67 23.51 -43.81
CA ILE D 24 -18.09 23.82 -43.72
C ILE D 24 -18.45 24.24 -42.30
N ASN D 25 -17.98 23.49 -41.32
CA ASN D 25 -18.06 23.85 -39.91
C ASN D 25 -16.64 24.22 -39.47
N GLN D 26 -16.31 25.50 -39.56
CA GLN D 26 -14.95 25.93 -39.28
C GLN D 26 -14.87 26.76 -38.01
N LYS D 27 -15.89 27.55 -37.73
CA LYS D 27 -15.93 28.31 -36.48
C LYS D 27 -16.07 27.41 -35.26
N ARG D 28 -16.79 26.29 -35.37
CA ARG D 28 -16.89 25.34 -34.26
C ARG D 28 -15.55 24.67 -33.99
N PHE D 29 -14.80 24.33 -35.05
CA PHE D 29 -13.48 23.74 -34.86
C PHE D 29 -12.50 24.68 -34.19
N ASP D 30 -12.69 25.99 -34.32
CA ASP D 30 -11.77 26.91 -33.66
C ASP D 30 -12.03 26.98 -32.16
N LEU D 31 -13.30 26.97 -31.75
CA LEU D 31 -13.63 26.94 -30.34
C LEU D 31 -13.08 25.68 -29.68
N TYR D 32 -13.24 24.54 -30.34
CA TYR D 32 -12.70 23.28 -29.83
C TYR D 32 -11.20 23.34 -29.69
N ILE D 33 -10.52 23.86 -30.71
CA ILE D 33 -9.06 23.92 -30.68
C ILE D 33 -8.59 24.82 -29.55
N ASP D 34 -9.26 25.97 -29.38
CA ASP D 34 -8.83 26.89 -28.33
C ASP D 34 -9.08 26.31 -26.94
N LEU D 35 -10.27 25.73 -26.72
CA LEU D 35 -10.57 25.15 -25.42
C LEU D 35 -9.64 24.00 -25.10
N ARG D 36 -9.25 23.22 -26.11
CA ARG D 36 -8.34 22.11 -25.88
C ARG D 36 -6.92 22.61 -25.61
N VAL D 37 -6.48 23.63 -26.35
CA VAL D 37 -5.12 24.13 -26.18
C VAL D 37 -4.97 24.82 -24.84
N GLN D 38 -6.07 25.36 -24.31
CA GLN D 38 -5.98 25.93 -22.97
C GLN D 38 -5.72 24.86 -21.92
N GLY D 39 -6.11 23.62 -22.21
CA GLY D 39 -5.74 22.49 -21.38
C GLY D 39 -6.89 21.67 -20.84
N TYR D 40 -8.15 22.09 -20.99
CA TYR D 40 -9.24 21.30 -20.44
C TYR D 40 -9.37 20.00 -21.21
N SER D 41 -9.94 19.00 -20.54
CA SER D 41 -9.94 17.65 -21.08
C SER D 41 -10.85 17.53 -22.29
N SER D 42 -10.70 16.42 -23.00
CA SER D 42 -11.62 16.07 -24.06
C SER D 42 -12.89 15.49 -23.46
N TRP D 43 -13.67 14.80 -24.29
CA TRP D 43 -14.96 14.25 -23.90
C TRP D 43 -15.96 15.35 -23.63
N ARG D 44 -15.74 16.18 -22.60
CA ARG D 44 -16.77 17.15 -22.28
C ARG D 44 -16.82 18.25 -23.32
N VAL D 45 -15.65 18.74 -23.76
CA VAL D 45 -15.60 19.82 -24.75
C VAL D 45 -16.46 19.44 -25.96
N PHE D 46 -16.51 18.15 -26.28
CA PHE D 46 -17.42 17.67 -27.30
C PHE D 46 -18.87 17.93 -26.91
N ARG D 47 -19.23 17.70 -25.65
CA ARG D 47 -20.58 17.98 -25.20
C ARG D 47 -20.88 19.46 -25.32
N ALA D 48 -19.89 20.30 -25.00
CA ALA D 48 -20.04 21.74 -25.01
C ALA D 48 -20.29 22.29 -26.41
N ILE D 49 -19.45 21.89 -27.36
CA ILE D 49 -19.45 22.56 -28.66
C ILE D 49 -20.34 21.82 -29.65
N TRP D 50 -20.47 20.51 -29.49
CA TRP D 50 -21.27 19.71 -30.42
C TRP D 50 -22.54 19.18 -29.75
N GLY D 51 -23.01 19.88 -28.73
CA GLY D 51 -24.29 19.53 -28.13
C GLY D 51 -24.26 18.17 -27.46
N GLU D 52 -25.42 17.50 -27.45
CA GLU D 52 -25.58 16.20 -26.82
C GLU D 52 -25.53 15.06 -27.82
N GLU D 53 -24.67 15.17 -28.84
CA GLU D 53 -24.53 14.12 -29.83
C GLU D 53 -23.75 12.92 -29.27
N HIS D 54 -23.53 12.92 -27.96
CA HIS D 54 -22.85 11.79 -27.33
C HIS D 54 -23.70 10.53 -27.40
N MET D 55 -23.03 9.40 -27.29
CA MET D 55 -23.66 8.08 -27.36
C MET D 55 -24.40 7.86 -28.67
N ASP D 56 -24.02 8.59 -29.72
CA ASP D 56 -24.58 8.36 -31.05
C ASP D 56 -24.21 6.95 -31.51
N GLY D 57 -22.91 6.68 -31.63
CA GLY D 57 -22.41 5.34 -31.74
C GLY D 57 -21.46 5.08 -30.57
N PRO D 58 -20.20 4.83 -30.88
CA PRO D 58 -19.19 4.93 -29.82
C PRO D 58 -18.70 6.37 -29.69
N ALA D 59 -18.94 6.98 -28.53
CA ALA D 59 -18.56 8.38 -28.34
C ALA D 59 -17.06 8.58 -28.47
N GLN D 60 -16.27 7.67 -27.87
CA GLN D 60 -14.82 7.77 -27.99
C GLN D 60 -14.38 7.67 -29.45
N ALA D 61 -15.10 6.86 -30.24
CA ALA D 61 -14.76 6.74 -31.66
C ALA D 61 -14.91 8.07 -32.37
N ARG D 62 -16.06 8.74 -32.22
CA ARG D 62 -16.24 10.03 -32.87
C ARG D 62 -15.26 11.06 -32.34
N ILE D 63 -15.00 11.03 -31.03
CA ILE D 63 -14.09 12.02 -30.44
C ILE D 63 -12.69 11.88 -31.02
N PHE D 64 -12.13 10.67 -31.02
CA PHE D 64 -10.78 10.53 -31.54
C PHE D 64 -10.75 10.51 -33.06
N ALA D 65 -11.91 10.40 -33.71
CA ALA D 65 -11.95 10.57 -35.15
C ALA D 65 -11.81 12.04 -35.52
N MET D 66 -12.49 12.91 -34.77
CA MET D 66 -12.30 14.34 -34.99
C MET D 66 -10.96 14.80 -34.43
N GLU D 67 -10.36 14.03 -33.52
CA GLU D 67 -9.05 14.31 -32.98
C GLU D 67 -7.92 13.97 -33.95
N SER D 68 -8.24 13.44 -35.13
CA SER D 68 -7.22 12.98 -36.07
C SER D 68 -7.27 13.70 -37.41
N ASN D 69 -7.97 14.83 -37.49
CA ASN D 69 -8.05 15.56 -38.75
C ASN D 69 -6.70 16.21 -39.05
N PRO D 70 -6.22 16.13 -40.29
CA PRO D 70 -5.02 16.90 -40.65
C PRO D 70 -5.20 18.39 -40.41
N TYR D 71 -6.37 18.93 -40.74
CA TYR D 71 -6.67 20.32 -40.41
C TYR D 71 -6.58 20.54 -38.90
N TYR D 72 -7.22 19.67 -38.13
CA TYR D 72 -7.08 19.75 -36.68
C TYR D 72 -5.62 19.78 -36.29
N ARG D 73 -4.89 18.70 -36.60
CA ARG D 73 -3.51 18.57 -36.16
C ARG D 73 -2.69 19.81 -36.47
N LYS D 74 -2.79 20.32 -37.70
CA LYS D 74 -1.96 21.47 -38.07
C LYS D 74 -2.36 22.72 -37.28
N GLN D 75 -3.66 23.00 -37.19
CA GLN D 75 -4.07 24.20 -36.46
C GLN D 75 -3.78 24.08 -34.96
N PHE D 76 -3.99 22.89 -34.40
CA PHE D 76 -3.69 22.66 -32.99
C PHE D 76 -2.21 22.87 -32.71
N LYS D 77 -1.34 22.33 -33.57
CA LYS D 77 0.09 22.53 -33.36
C LYS D 77 0.46 24.00 -33.46
N ALA D 78 -0.12 24.71 -34.44
CA ALA D 78 0.19 26.13 -34.60
C ALA D 78 -0.24 26.94 -33.38
N LYS D 79 -1.49 26.75 -32.94
CA LYS D 79 -1.99 27.51 -31.80
C LYS D 79 -1.27 27.12 -30.51
N LEU D 80 -0.87 25.85 -30.40
CA LEU D 80 -0.17 25.41 -29.20
C LEU D 80 1.22 26.01 -29.13
N ASN D 81 1.92 26.06 -30.26
CA ASN D 81 3.24 26.66 -30.28
C ASN D 81 3.20 28.18 -30.25
N ALA D 82 2.05 28.79 -30.54
CA ALA D 82 1.92 30.24 -30.53
C ALA D 82 1.58 30.83 -29.18
N THR D 83 1.30 30.00 -28.17
CA THR D 83 0.91 30.51 -26.86
C THR D 83 2.12 30.59 -25.94
N LYS D 84 2.37 31.77 -25.38
CA LYS D 84 3.49 31.96 -24.48
C LYS D 84 3.29 31.16 -23.20
N THR D 85 4.39 30.72 -22.59
CA THR D 85 4.30 29.93 -21.38
C THR D 85 4.09 30.81 -20.16
N SER D 86 3.12 31.73 -20.25
CA SER D 86 2.69 32.49 -19.09
C SER D 86 1.17 32.62 -19.06
N ASP D 87 0.47 32.11 -20.09
CA ASP D 87 -0.96 31.96 -20.05
C ASP D 87 -1.36 30.54 -19.70
N LEU D 88 -0.40 29.66 -19.45
CA LEU D 88 -0.67 28.29 -19.03
C LEU D 88 -0.36 28.10 -17.55
N TRP D 89 0.86 28.43 -17.12
CA TRP D 89 1.26 28.29 -15.72
C TRP D 89 2.04 29.53 -15.31
N ASN D 90 1.40 30.38 -14.50
CA ASN D 90 2.02 31.51 -13.83
C ASN D 90 1.78 31.35 -12.34
N PRO D 91 2.65 31.92 -11.48
CA PRO D 91 2.65 31.54 -10.05
C PRO D 91 1.28 31.65 -9.40
N LYS D 92 0.55 32.71 -9.76
CA LYS D 92 -0.72 32.99 -9.11
C LYS D 92 -1.75 31.93 -9.43
N THR D 93 -1.73 31.38 -10.65
CA THR D 93 -2.60 30.25 -10.98
C THR D 93 -2.24 29.01 -10.17
N ALA D 94 -0.94 28.78 -9.93
CA ALA D 94 -0.55 27.63 -9.12
C ALA D 94 -1.07 27.78 -7.69
N LEU D 95 -0.94 29.00 -7.13
CA LEU D 95 -1.50 29.25 -5.80
C LEU D 95 -3.00 29.01 -5.79
N HIS D 96 -3.70 29.49 -6.82
CA HIS D 96 -5.14 29.28 -6.85
C HIS D 96 -5.52 27.81 -6.97
N GLU D 97 -4.78 27.03 -7.77
CA GLU D 97 -5.12 25.62 -7.92
C GLU D 97 -4.88 24.85 -6.62
N LEU D 98 -3.74 25.09 -5.98
CA LEU D 98 -3.51 24.46 -4.69
C LEU D 98 -4.56 24.86 -3.67
N LEU D 99 -4.97 26.13 -3.65
CA LEU D 99 -6.01 26.56 -2.73
C LEU D 99 -7.34 25.89 -3.03
N GLN D 100 -7.68 25.74 -4.32
CA GLN D 100 -8.88 24.99 -4.69
C GLN D 100 -8.83 23.59 -4.12
N MET D 101 -7.67 22.93 -4.23
CA MET D 101 -7.57 21.57 -3.73
C MET D 101 -7.66 21.54 -2.20
N VAL D 102 -7.18 22.60 -1.55
CA VAL D 102 -7.27 22.67 -0.09
C VAL D 102 -8.70 22.80 0.38
N ARG D 103 -9.49 23.70 -0.21
CA ARG D 103 -10.82 24.02 0.30
C ARG D 103 -11.91 23.12 -0.26
N ASP D 104 -11.57 22.10 -1.03
CA ASP D 104 -12.57 21.18 -1.52
C ASP D 104 -12.73 20.00 -0.55
N PRO D 105 -13.92 19.83 0.02
CA PRO D 105 -14.13 18.73 0.98
C PRO D 105 -14.48 17.42 0.31
N THR D 106 -13.72 17.05 -0.74
CA THR D 106 -13.92 15.77 -1.42
C THR D 106 -12.57 15.20 -1.86
N VAL D 107 -11.46 15.74 -1.36
CA VAL D 107 -10.14 15.49 -1.92
C VAL D 107 -9.40 14.48 -1.06
N LYS D 108 -10.13 13.80 -0.17
CA LYS D 108 -9.51 12.98 0.87
C LYS D 108 -8.62 13.85 1.73
N ASP D 109 -7.98 13.28 2.73
CA ASP D 109 -7.31 14.11 3.73
C ASP D 109 -5.79 14.15 3.55
N SER D 110 -5.18 13.07 3.07
CA SER D 110 -3.75 13.10 2.76
C SER D 110 -3.41 14.09 1.66
N SER D 111 -4.24 14.17 0.62
CA SER D 111 -4.01 15.15 -0.43
C SER D 111 -4.13 16.58 0.10
N ARG D 112 -5.11 16.85 0.96
CA ARG D 112 -5.21 18.18 1.53
C ARG D 112 -3.99 18.51 2.37
N LEU D 113 -3.52 17.55 3.17
CA LEU D 113 -2.31 17.78 3.95
C LEU D 113 -1.13 18.10 3.05
N SER D 114 -0.95 17.33 1.97
CA SER D 114 0.18 17.59 1.08
C SER D 114 0.05 18.95 0.39
N ALA D 115 -1.18 19.33 0.03
CA ALA D 115 -1.37 20.65 -0.58
C ALA D 115 -1.01 21.76 0.39
N ILE D 116 -1.37 21.61 1.65
CA ILE D 116 -0.98 22.59 2.66
C ILE D 116 0.54 22.63 2.79
N LYS D 117 1.17 21.46 2.76
CA LYS D 117 2.63 21.40 2.83
C LYS D 117 3.27 22.18 1.69
N GLU D 118 2.76 22.02 0.47
CA GLU D 118 3.41 22.64 -0.68
C GLU D 118 3.11 24.13 -0.72
N LEU D 119 1.90 24.54 -0.34
CA LEU D 119 1.65 25.97 -0.19
C LEU D 119 2.55 26.57 0.87
N ASN D 120 2.88 25.79 1.90
CA ASN D 120 3.80 26.24 2.93
C ASN D 120 5.20 26.44 2.36
N VAL D 121 5.65 25.46 1.58
CA VAL D 121 7.01 25.46 1.03
C VAL D 121 7.18 26.62 0.04
N LEU D 122 6.18 26.83 -0.81
CA LEU D 122 6.29 27.85 -1.85
C LEU D 122 6.46 29.25 -1.27
N ALA D 123 5.46 29.73 -0.54
CA ALA D 123 5.46 31.14 -0.16
C ALA D 123 6.14 31.39 1.17
N GLU D 124 7.33 30.80 1.37
CA GLU D 124 8.24 31.06 2.49
C GLU D 124 7.49 31.38 3.79
N ILE D 125 6.50 30.57 4.13
CA ILE D 125 5.52 30.97 5.12
C ILE D 125 5.78 30.16 6.40
N THR D 126 7.02 29.71 6.56
CA THR D 126 7.42 28.97 7.75
C THR D 126 7.55 29.94 8.94
N PHE D 127 6.38 30.36 9.42
CA PHE D 127 6.24 31.28 10.56
C PHE D 127 6.79 32.65 10.25
N VAL D 128 7.08 32.93 8.97
CA VAL D 128 7.62 34.22 8.58
C VAL D 128 6.85 34.81 7.40
N GLN E 14 -11.46 -7.83 -45.82
CA GLN E 14 -10.56 -8.73 -45.12
C GLN E 14 -11.02 -8.97 -43.68
N GLU E 15 -12.00 -9.87 -43.53
CA GLU E 15 -12.50 -10.26 -42.22
C GLU E 15 -11.76 -11.47 -41.67
N PHE E 16 -10.76 -11.96 -42.41
CA PHE E 16 -9.93 -13.06 -41.95
C PHE E 16 -8.72 -12.54 -41.18
N ALA E 17 -7.77 -13.41 -40.86
CA ALA E 17 -6.52 -12.99 -40.27
C ALA E 17 -5.39 -13.29 -41.25
N ASP E 18 -5.14 -12.38 -42.18
CA ASP E 18 -4.20 -12.60 -43.27
C ASP E 18 -3.07 -11.57 -43.19
N PRO E 19 -1.83 -11.99 -42.96
CA PRO E 19 -0.72 -11.03 -42.98
C PRO E 19 -0.49 -10.41 -44.34
N HIS E 20 -0.20 -11.22 -45.35
CA HIS E 20 0.18 -10.69 -46.66
C HIS E 20 -1.03 -10.52 -47.56
N PHE E 21 -1.58 -9.31 -47.57
CA PHE E 21 -2.60 -8.90 -48.53
C PHE E 21 -2.33 -7.47 -48.95
N ALA E 22 -1.11 -7.00 -48.71
CA ALA E 22 -0.72 -5.63 -48.99
C ALA E 22 -0.58 -5.42 -50.50
N ALA E 23 -0.18 -4.20 -50.88
CA ALA E 23 -0.06 -3.71 -52.24
C ALA E 23 -1.41 -3.57 -52.93
N ILE E 24 -2.49 -3.99 -52.30
CA ILE E 24 -3.85 -3.71 -52.76
C ILE E 24 -4.49 -2.60 -51.93
N ASN E 25 -4.36 -2.71 -50.61
CA ASN E 25 -4.74 -1.65 -49.68
C ASN E 25 -3.44 -1.07 -49.13
N GLN E 26 -2.93 -0.02 -49.79
CA GLN E 26 -1.64 0.53 -49.41
C GLN E 26 -1.77 1.91 -48.79
N LYS E 27 -2.72 2.70 -49.26
CA LYS E 27 -2.96 4.00 -48.65
C LYS E 27 -3.50 3.89 -47.23
N ARG E 28 -4.31 2.87 -46.93
CA ARG E 28 -4.79 2.66 -45.57
C ARG E 28 -3.65 2.27 -44.63
N PHE E 29 -2.72 1.44 -45.12
CA PHE E 29 -1.58 1.06 -44.29
C PHE E 29 -0.67 2.24 -43.98
N ASP E 30 -0.65 3.28 -44.82
CA ASP E 30 0.18 4.44 -44.51
C ASP E 30 -0.42 5.29 -43.40
N LEU E 31 -1.75 5.46 -43.41
CA LEU E 31 -2.41 6.19 -42.33
C LEU E 31 -2.20 5.50 -41.00
N TYR E 32 -2.33 4.16 -40.98
CA TYR E 32 -2.11 3.39 -39.77
C TYR E 32 -0.67 3.56 -39.28
N ILE E 33 0.29 3.46 -40.20
CA ILE E 33 1.69 3.57 -39.80
C ILE E 33 1.98 4.95 -39.23
N ASP E 34 1.44 6.00 -39.87
CA ASP E 34 1.71 7.34 -39.38
C ASP E 34 1.06 7.59 -38.03
N LEU E 35 -0.21 7.19 -37.87
CA LEU E 35 -0.88 7.39 -36.59
C LEU E 35 -0.21 6.59 -35.48
N ARG E 36 0.31 5.40 -35.80
CA ARG E 36 1.00 4.62 -34.77
C ARG E 36 2.35 5.23 -34.44
N VAL E 37 3.08 5.70 -35.45
CA VAL E 37 4.42 6.24 -35.21
C VAL E 37 4.33 7.56 -34.44
N GLN E 38 3.21 8.27 -34.58
CA GLN E 38 3.04 9.47 -33.77
C GLN E 38 2.89 9.12 -32.29
N GLY E 39 2.44 7.92 -31.98
CA GLY E 39 2.45 7.40 -30.63
C GLY E 39 1.11 6.97 -30.08
N TYR E 40 0.00 7.23 -30.76
CA TYR E 40 -1.29 6.83 -30.20
C TYR E 40 -1.40 5.31 -30.18
N SER E 41 -2.22 4.81 -29.27
CA SER E 41 -2.27 3.38 -29.00
C SER E 41 -2.87 2.62 -30.17
N SER E 42 -2.69 1.30 -30.13
CA SER E 42 -3.36 0.40 -31.05
C SER E 42 -4.80 0.21 -30.61
N TRP E 43 -5.42 -0.84 -31.13
CA TRP E 43 -6.84 -1.12 -30.88
C TRP E 43 -7.73 -0.07 -31.52
N ARG E 44 -7.66 1.18 -31.04
CA ARG E 44 -8.61 2.14 -31.57
C ARG E 44 -8.26 2.52 -33.00
N VAL E 45 -6.97 2.73 -33.29
CA VAL E 45 -6.56 3.11 -34.64
C VAL E 45 -7.13 2.13 -35.66
N PHE E 46 -7.26 0.86 -35.27
CA PHE E 46 -7.95 -0.12 -36.09
C PHE E 46 -9.40 0.28 -36.30
N ARG E 47 -10.08 0.74 -35.25
CA ARG E 47 -11.46 1.20 -35.40
C ARG E 47 -11.54 2.38 -36.36
N ALA E 48 -10.56 3.27 -36.26
CA ALA E 48 -10.52 4.49 -37.07
C ALA E 48 -10.35 4.20 -38.54
N ILE E 49 -9.36 3.37 -38.88
CA ILE E 49 -8.96 3.24 -40.28
C ILE E 49 -9.67 2.07 -40.93
N TRP E 50 -9.99 1.03 -40.17
CA TRP E 50 -10.65 -0.16 -40.72
C TRP E 50 -12.09 -0.28 -40.24
N GLY E 51 -12.71 0.85 -39.90
CA GLY E 51 -14.12 0.84 -39.58
C GLY E 51 -14.42 0.05 -38.33
N GLU E 52 -15.62 -0.54 -38.30
CA GLU E 52 -16.11 -1.30 -37.15
C GLU E 52 -15.95 -2.80 -37.34
N GLU E 53 -14.88 -3.23 -38.00
CA GLU E 53 -14.62 -4.65 -38.22
C GLU E 53 -14.16 -5.34 -36.94
N HIS E 54 -14.26 -4.65 -35.80
CA HIS E 54 -13.90 -5.22 -34.52
C HIS E 54 -14.86 -6.35 -34.16
N MET E 55 -14.38 -7.25 -33.29
CA MET E 55 -15.14 -8.41 -32.83
C MET E 55 -15.56 -9.32 -33.98
N ASP E 56 -14.85 -9.25 -35.11
CA ASP E 56 -15.08 -10.17 -36.21
C ASP E 56 -14.80 -11.60 -35.76
N GLY E 57 -13.55 -11.85 -35.36
CA GLY E 57 -13.21 -13.03 -34.61
C GLY E 57 -12.62 -12.60 -33.29
N PRO E 58 -11.36 -12.94 -33.05
CA PRO E 58 -10.63 -12.27 -31.98
C PRO E 58 -10.02 -10.98 -32.49
N ALA E 59 -10.45 -9.84 -31.92
CA ALA E 59 -9.95 -8.55 -32.40
C ALA E 59 -8.46 -8.42 -32.19
N GLN E 60 -7.95 -8.84 -31.04
CA GLN E 60 -6.52 -8.79 -30.79
C GLN E 60 -5.76 -9.63 -31.79
N ALA E 61 -6.35 -10.76 -32.21
CA ALA E 61 -5.70 -11.61 -33.20
C ALA E 61 -5.51 -10.88 -34.52
N ARG E 62 -6.56 -10.26 -35.05
CA ARG E 62 -6.43 -9.52 -36.29
C ARG E 62 -5.48 -8.34 -36.13
N ILE E 63 -5.54 -7.66 -34.99
CA ILE E 63 -4.70 -6.49 -34.77
C ILE E 63 -3.22 -6.88 -34.80
N PHE E 64 -2.84 -7.88 -34.02
CA PHE E 64 -1.43 -8.25 -34.00
C PHE E 64 -1.03 -9.07 -35.22
N ALA E 65 -2.00 -9.54 -36.00
CA ALA E 65 -1.67 -10.18 -37.27
C ALA E 65 -1.27 -9.12 -38.28
N MET E 66 -1.98 -8.01 -38.31
CA MET E 66 -1.57 -6.91 -39.19
C MET E 66 -0.36 -6.18 -38.62
N GLU E 67 -0.11 -6.34 -37.32
CA GLU E 67 1.06 -5.78 -36.66
C GLU E 67 2.35 -6.55 -36.97
N SER E 68 2.25 -7.65 -37.73
CA SER E 68 3.40 -8.52 -37.98
C SER E 68 3.77 -8.62 -39.45
N ASN E 69 3.25 -7.72 -40.29
CA ASN E 69 3.58 -7.79 -41.71
C ASN E 69 5.03 -7.36 -41.92
N PRO E 70 5.79 -8.08 -42.76
CA PRO E 70 7.12 -7.59 -43.13
C PRO E 70 7.09 -6.21 -43.75
N TYR E 71 6.10 -5.96 -44.62
CA TYR E 71 5.89 -4.61 -45.16
C TYR E 71 5.65 -3.62 -44.04
N TYR E 72 4.74 -3.96 -43.12
CA TYR E 72 4.52 -3.11 -41.95
C TYR E 72 5.84 -2.84 -41.26
N ARG E 73 6.48 -3.89 -40.75
CA ARG E 73 7.69 -3.74 -39.94
C ARG E 73 8.72 -2.84 -40.62
N LYS E 74 8.98 -3.07 -41.91
CA LYS E 74 10.01 -2.27 -42.58
C LYS E 74 9.59 -0.81 -42.70
N GLN E 75 8.35 -0.55 -43.13
CA GLN E 75 7.93 0.84 -43.27
C GLN E 75 7.82 1.55 -41.92
N PHE E 76 7.34 0.84 -40.90
CA PHE E 76 7.26 1.39 -39.56
C PHE E 76 8.64 1.76 -39.04
N LYS E 77 9.62 0.88 -39.22
CA LYS E 77 10.97 1.19 -38.77
C LYS E 77 11.52 2.40 -39.52
N ALA E 78 11.31 2.45 -40.83
CA ALA E 78 11.82 3.57 -41.62
C ALA E 78 11.21 4.89 -41.16
N LYS E 79 9.88 4.95 -41.05
CA LYS E 79 9.21 6.17 -40.65
C LYS E 79 9.55 6.56 -39.22
N LEU E 80 9.74 5.56 -38.35
CA LEU E 80 10.07 5.84 -36.97
C LEU E 80 11.47 6.42 -36.85
N ASN E 81 12.42 5.88 -37.60
CA ASN E 81 13.78 6.40 -37.57
C ASN E 81 13.91 7.70 -38.35
N ALA E 82 12.96 8.04 -39.21
CA ALA E 82 13.02 9.26 -39.99
C ALA E 82 12.43 10.47 -39.29
N THR E 83 11.81 10.31 -38.12
CA THR E 83 11.18 11.42 -37.43
C THR E 83 12.13 12.01 -36.41
N LYS E 84 12.37 13.32 -36.50
CA LYS E 84 13.27 13.99 -35.57
C LYS E 84 12.66 13.99 -34.16
N THR E 85 13.53 13.97 -33.15
CA THR E 85 13.04 13.94 -31.77
C THR E 85 12.65 15.35 -31.30
N SER E 86 11.85 16.04 -32.12
CA SER E 86 11.25 17.29 -31.69
C SER E 86 9.80 17.38 -32.15
N ASP E 87 9.32 16.39 -32.89
CA ASP E 87 7.91 16.24 -33.19
C ASP E 87 7.27 15.22 -32.26
N LEU E 88 8.02 14.63 -31.34
CA LEU E 88 7.49 13.69 -30.37
C LEU E 88 7.41 14.34 -28.99
N TRP E 89 8.51 14.87 -28.48
CA TRP E 89 8.54 15.51 -27.17
C TRP E 89 9.34 16.80 -27.26
N ASN E 90 8.64 17.93 -27.23
CA ASN E 90 9.23 19.25 -27.09
C ASN E 90 8.61 19.92 -25.88
N PRO E 91 9.31 20.89 -25.24
CA PRO E 91 8.90 21.32 -23.89
C PRO E 91 7.45 21.74 -23.79
N LYS E 92 6.96 22.41 -24.83
CA LYS E 92 5.63 22.97 -24.79
C LYS E 92 4.57 21.87 -24.78
N THR E 93 4.82 20.76 -25.47
CA THR E 93 3.93 19.61 -25.40
C THR E 93 3.92 19.01 -24.00
N ALA E 94 5.08 18.96 -23.33
CA ALA E 94 5.11 18.44 -21.96
C ALA E 94 4.29 19.33 -21.03
N LEU E 95 4.42 20.64 -21.18
CA LEU E 95 3.60 21.55 -20.38
C LEU E 95 2.13 21.32 -20.65
N HIS E 96 1.76 21.16 -21.91
CA HIS E 96 0.35 20.93 -22.24
C HIS E 96 -0.16 19.62 -21.67
N GLU E 97 0.65 18.55 -21.71
CA GLU E 97 0.18 17.27 -21.19
C GLU E 97 0.01 17.32 -19.68
N LEU E 98 0.97 17.90 -18.97
CA LEU E 98 0.80 18.05 -17.54
C LEU E 98 -0.40 18.92 -17.19
N LEU E 99 -0.64 19.98 -17.96
CA LEU E 99 -1.81 20.81 -17.72
C LEU E 99 -3.11 20.06 -17.98
N GLN E 100 -3.14 19.24 -19.03
CA GLN E 100 -4.29 18.37 -19.27
C GLN E 100 -4.56 17.49 -18.07
N MET E 101 -3.50 16.90 -17.50
CA MET E 101 -3.69 16.02 -16.35
C MET E 101 -4.15 16.82 -15.12
N VAL E 102 -3.72 18.07 -15.02
CA VAL E 102 -4.15 18.91 -13.90
C VAL E 102 -5.63 19.24 -13.97
N ARG E 103 -6.12 19.65 -15.14
CA ARG E 103 -7.49 20.16 -15.25
C ARG E 103 -8.52 19.09 -15.52
N ASP E 104 -8.13 17.82 -15.53
CA ASP E 104 -9.09 16.75 -15.73
C ASP E 104 -9.63 16.27 -14.37
N PRO E 105 -10.94 16.41 -14.14
CA PRO E 105 -11.50 15.98 -12.85
C PRO E 105 -11.83 14.49 -12.80
N THR E 106 -10.90 13.65 -13.25
CA THR E 106 -11.09 12.20 -13.19
C THR E 106 -9.76 11.51 -12.88
N VAL E 107 -8.75 12.26 -12.46
CA VAL E 107 -7.37 11.79 -12.43
C VAL E 107 -7.00 11.42 -11.00
N LYS E 108 -8.00 11.31 -10.13
CA LYS E 108 -7.76 11.18 -8.69
C LYS E 108 -7.00 12.40 -8.21
N ASP E 109 -6.70 12.46 -6.92
CA ASP E 109 -6.18 13.70 -6.36
C ASP E 109 -4.68 13.69 -6.11
N SER E 110 -4.10 12.54 -5.77
CA SER E 110 -2.66 12.43 -5.65
C SER E 110 -1.94 12.68 -6.97
N SER E 111 -2.47 12.18 -8.07
CA SER E 111 -1.87 12.46 -9.37
C SER E 111 -1.93 13.94 -9.72
N ARG E 112 -3.05 14.60 -9.43
CA ARG E 112 -3.13 16.03 -9.69
C ARG E 112 -2.11 16.80 -8.84
N LEU E 113 -1.97 16.41 -7.58
CA LEU E 113 -0.96 17.06 -6.74
C LEU E 113 0.43 16.87 -7.31
N SER E 114 0.76 15.66 -7.73
CA SER E 114 2.09 15.43 -8.29
C SER E 114 2.30 16.20 -9.59
N ALA E 115 1.27 16.31 -10.42
CA ALA E 115 1.39 17.08 -11.65
C ALA E 115 1.65 18.55 -11.35
N ILE E 116 0.96 19.09 -10.33
CA ILE E 116 1.23 20.47 -9.92
C ILE E 116 2.65 20.61 -9.43
N LYS E 117 3.13 19.62 -8.67
CA LYS E 117 4.52 19.64 -8.19
C LYS E 117 5.49 19.71 -9.35
N GLU E 118 5.28 18.90 -10.37
CA GLU E 118 6.25 18.84 -11.46
C GLU E 118 6.17 20.07 -12.36
N LEU E 119 4.97 20.59 -12.58
CA LEU E 119 4.87 21.86 -13.28
C LEU E 119 5.55 22.97 -12.48
N ASN E 120 5.52 22.86 -11.15
CA ASN E 120 6.22 23.81 -10.30
C ASN E 120 7.72 23.70 -10.49
N VAL E 121 8.23 22.48 -10.48
CA VAL E 121 9.66 22.22 -10.57
C VAL E 121 10.21 22.67 -11.92
N LEU E 122 9.48 22.36 -13.00
CA LEU E 122 9.96 22.68 -14.33
C LEU E 122 10.16 24.17 -14.55
N ALA E 123 9.08 24.95 -14.48
CA ALA E 123 9.17 26.35 -14.91
C ALA E 123 9.53 27.29 -13.77
N GLU E 124 10.55 26.92 -12.99
CA GLU E 124 11.18 27.77 -11.97
C GLU E 124 10.20 28.71 -11.28
N ILE E 125 9.06 28.18 -10.86
CA ILE E 125 7.92 29.03 -10.52
C ILE E 125 7.76 29.03 -9.00
N THR E 126 8.86 28.76 -8.30
CA THR E 126 8.88 28.79 -6.84
C THR E 126 8.81 30.24 -6.34
N PHE E 127 7.62 30.83 -6.49
CA PHE E 127 7.34 32.20 -6.09
C PHE E 127 8.12 33.22 -6.91
N VAL E 128 8.74 32.78 -8.00
CA VAL E 128 9.51 33.67 -8.85
C VAL E 128 9.13 33.51 -10.31
N GLN F 14 -0.91 -31.29 -36.19
CA GLN F 14 -0.33 -31.66 -34.91
C GLN F 14 -1.15 -31.12 -33.74
N GLU F 15 -2.24 -31.81 -33.41
CA GLU F 15 -3.10 -31.46 -32.29
C GLU F 15 -2.66 -32.17 -31.00
N PHE F 16 -1.58 -32.95 -31.08
CA PHE F 16 -1.03 -33.62 -29.91
C PHE F 16 0.01 -32.74 -29.24
N ALA F 17 0.73 -33.29 -28.26
CA ALA F 17 1.86 -32.58 -27.67
C ALA F 17 3.14 -33.32 -27.99
N ASP F 18 3.71 -33.05 -29.17
CA ASP F 18 4.85 -33.78 -29.67
C ASP F 18 6.05 -32.86 -29.83
N PRO F 19 7.14 -33.06 -29.10
CA PRO F 19 8.33 -32.23 -29.31
C PRO F 19 8.97 -32.43 -30.68
N HIS F 20 9.38 -33.65 -30.99
CA HIS F 20 10.13 -33.88 -32.23
C HIS F 20 9.20 -34.25 -33.37
N PHE F 21 8.82 -33.24 -34.16
CA PHE F 21 8.13 -33.44 -35.43
C PHE F 21 8.67 -32.43 -36.43
N ALA F 22 9.85 -31.87 -36.15
CA ALA F 22 10.46 -30.86 -36.98
C ALA F 22 10.99 -31.49 -38.27
N ALA F 23 11.61 -30.65 -39.11
CA ALA F 23 12.12 -30.96 -40.44
C ALA F 23 11.00 -31.24 -41.44
N ILE F 24 9.76 -31.28 -41.00
CA ILE F 24 8.60 -31.33 -41.88
C ILE F 24 7.92 -29.96 -41.95
N ASN F 25 7.71 -29.34 -40.80
CA ASN F 25 7.25 -27.96 -40.70
C ASN F 25 8.44 -27.15 -40.20
N GLN F 26 9.22 -26.59 -41.14
CA GLN F 26 10.45 -25.91 -40.77
C GLN F 26 10.34 -24.41 -41.02
N LYS F 27 9.63 -24.01 -42.06
CA LYS F 27 9.42 -22.59 -42.31
C LYS F 27 8.54 -21.93 -41.25
N ARG F 28 7.58 -22.66 -40.70
CA ARG F 28 6.74 -22.13 -39.62
C ARG F 28 7.57 -21.94 -38.35
N PHE F 29 8.47 -22.87 -38.05
CA PHE F 29 9.34 -22.71 -36.88
C PHE F 29 10.28 -21.53 -37.00
N ASP F 30 10.62 -21.10 -38.21
CA ASP F 30 11.50 -19.94 -38.33
C ASP F 30 10.75 -18.64 -38.04
N LEU F 31 9.50 -18.54 -38.49
CA LEU F 31 8.70 -17.37 -38.18
C LEU F 31 8.49 -17.23 -36.68
N TYR F 32 8.19 -18.35 -36.01
CA TYR F 32 8.03 -18.35 -34.56
C TYR F 32 9.30 -17.92 -33.86
N ILE F 33 10.44 -18.46 -34.30
CA ILE F 33 11.70 -18.13 -33.66
C ILE F 33 12.02 -16.65 -33.84
N ASP F 34 11.79 -16.12 -35.04
CA ASP F 34 12.10 -14.70 -35.27
C ASP F 34 11.17 -13.79 -34.47
N LEU F 35 9.87 -14.08 -34.48
CA LEU F 35 8.93 -13.25 -33.73
C LEU F 35 9.21 -13.31 -32.24
N ARG F 36 9.64 -14.47 -31.73
CA ARG F 36 9.95 -14.57 -30.32
C ARG F 36 11.25 -13.85 -29.99
N VAL F 37 12.26 -13.97 -30.85
CA VAL F 37 13.55 -13.35 -30.58
C VAL F 37 13.45 -11.83 -30.66
N GLN F 38 12.50 -11.33 -31.45
CA GLN F 38 12.28 -9.89 -31.46
C GLN F 38 11.74 -9.40 -30.12
N GLY F 39 11.08 -10.27 -29.37
CA GLY F 39 10.70 -9.98 -28.01
C GLY F 39 9.22 -10.08 -27.70
N TYR F 40 8.35 -10.25 -28.69
CA TYR F 40 6.93 -10.33 -28.37
C TYR F 40 6.62 -11.60 -27.59
N SER F 41 5.55 -11.56 -26.82
CA SER F 41 5.26 -12.62 -25.87
C SER F 41 4.88 -13.91 -26.59
N SER F 42 4.88 -14.99 -25.82
CA SER F 42 4.34 -16.26 -26.29
C SER F 42 2.82 -16.22 -26.22
N TRP F 43 2.21 -17.40 -26.28
CA TRP F 43 0.76 -17.55 -26.30
C TRP F 43 0.19 -17.02 -27.60
N ARG F 44 0.29 -15.71 -27.85
CA ARG F 44 -0.38 -15.19 -29.04
C ARG F 44 0.35 -15.63 -30.30
N VAL F 45 1.69 -15.57 -30.29
CA VAL F 45 2.47 -15.97 -31.46
C VAL F 45 2.03 -17.36 -31.93
N PHE F 46 1.65 -18.21 -30.99
CA PHE F 46 1.07 -19.49 -31.34
C PHE F 46 -0.23 -19.31 -32.12
N ARG F 47 -1.08 -18.38 -31.69
CA ARG F 47 -2.31 -18.11 -32.41
C ARG F 47 -2.00 -17.62 -33.82
N ALA F 48 -0.98 -16.79 -33.95
CA ALA F 48 -0.59 -16.18 -35.22
C ALA F 48 -0.11 -17.22 -36.22
N ILE F 49 0.83 -18.07 -35.79
CA ILE F 49 1.53 -18.91 -36.75
C ILE F 49 0.86 -20.28 -36.88
N TRP F 50 0.23 -20.75 -35.80
CA TRP F 50 -0.41 -22.06 -35.81
C TRP F 50 -1.93 -21.94 -35.74
N GLY F 51 -2.48 -20.83 -36.23
CA GLY F 51 -3.92 -20.70 -36.35
C GLY F 51 -4.60 -20.71 -34.99
N GLU F 52 -5.83 -21.21 -35.00
CA GLU F 52 -6.67 -21.26 -33.80
C GLU F 52 -6.67 -22.64 -33.14
N GLU F 53 -5.52 -23.31 -33.15
CA GLU F 53 -5.40 -24.62 -32.52
C GLU F 53 -5.35 -24.52 -31.00
N HIS F 54 -5.63 -23.32 -30.47
CA HIS F 54 -5.67 -23.13 -29.04
C HIS F 54 -6.83 -23.91 -28.42
N MET F 55 -6.69 -24.19 -27.13
CA MET F 55 -7.67 -24.95 -26.35
C MET F 55 -7.91 -26.34 -26.92
N ASP F 56 -6.94 -26.86 -27.68
CA ASP F 56 -7.02 -28.24 -28.16
C ASP F 56 -7.03 -29.19 -26.98
N GLY F 57 -5.97 -29.17 -26.19
CA GLY F 57 -5.96 -29.76 -24.87
C GLY F 57 -5.66 -28.67 -23.86
N PRO F 58 -4.56 -28.80 -23.16
CA PRO F 58 -4.01 -27.65 -22.43
C PRO F 58 -3.14 -26.81 -23.35
N ALA F 59 -3.55 -25.56 -23.61
CA ALA F 59 -2.80 -24.71 -24.53
C ALA F 59 -1.39 -24.46 -24.02
N GLN F 60 -1.25 -24.18 -22.72
CA GLN F 60 0.08 -23.97 -22.16
C GLN F 60 0.96 -25.20 -22.33
N ALA F 61 0.34 -26.39 -22.24
CA ALA F 61 1.11 -27.62 -22.43
C ALA F 61 1.70 -27.70 -23.82
N ARG F 62 0.89 -27.48 -24.85
CA ARG F 62 1.41 -27.52 -26.22
C ARG F 62 2.44 -26.42 -26.44
N ILE F 63 2.17 -25.23 -25.89
CA ILE F 63 3.09 -24.10 -26.09
C ILE F 63 4.47 -24.41 -25.52
N PHE F 64 4.52 -24.84 -24.25
CA PHE F 64 5.83 -25.10 -23.66
C PHE F 64 6.40 -26.44 -24.12
N ALA F 65 5.59 -27.28 -24.76
CA ALA F 65 6.14 -28.47 -25.38
C ALA F 65 6.91 -28.12 -26.64
N MET F 66 6.36 -27.22 -27.44
CA MET F 66 7.11 -26.74 -28.61
C MET F 66 8.23 -25.79 -28.19
N GLU F 67 8.14 -25.23 -26.98
CA GLU F 67 9.17 -24.37 -26.43
C GLU F 67 10.39 -25.17 -25.93
N SER F 68 10.34 -26.50 -26.00
CA SER F 68 11.40 -27.33 -25.45
C SER F 68 12.09 -28.20 -26.49
N ASN F 69 11.92 -27.91 -27.77
CA ASN F 69 12.57 -28.70 -28.80
C ASN F 69 14.07 -28.42 -28.80
N PRO F 70 14.91 -29.45 -28.89
CA PRO F 70 16.34 -29.20 -29.09
C PRO F 70 16.63 -28.38 -30.33
N TYR F 71 15.93 -28.65 -31.43
CA TYR F 71 16.01 -27.80 -32.61
C TYR F 71 15.64 -26.36 -32.28
N TYR F 72 14.50 -26.19 -31.61
CA TYR F 72 14.12 -24.85 -31.17
C TYR F 72 15.26 -24.22 -30.38
N ARG F 73 15.61 -24.83 -29.25
CA ARG F 73 16.60 -24.24 -28.36
C ARG F 73 17.86 -23.81 -29.10
N LYS F 74 18.40 -24.69 -29.95
CA LYS F 74 19.65 -24.36 -30.63
C LYS F 74 19.47 -23.19 -31.60
N GLN F 75 18.41 -23.22 -32.41
CA GLN F 75 18.21 -22.13 -33.36
C GLN F 75 17.87 -20.83 -32.67
N PHE F 76 17.07 -20.89 -31.60
CA PHE F 76 16.74 -19.70 -30.83
C PHE F 76 17.98 -19.08 -30.22
N LYS F 77 18.86 -19.90 -29.63
CA LYS F 77 20.09 -19.37 -29.07
C LYS F 77 20.96 -18.73 -30.15
N ALA F 78 21.06 -19.40 -31.31
CA ALA F 78 21.89 -18.85 -32.39
C ALA F 78 21.36 -17.50 -32.86
N LYS F 79 20.06 -17.44 -33.17
CA LYS F 79 19.48 -16.19 -33.66
C LYS F 79 19.49 -15.10 -32.60
N LEU F 80 19.36 -15.47 -31.33
CA LEU F 80 19.36 -14.50 -30.26
C LEU F 80 20.75 -13.91 -30.09
N ASN F 81 21.78 -14.74 -30.16
CA ASN F 81 23.15 -14.25 -30.04
C ASN F 81 23.64 -13.56 -31.31
N ALA F 82 22.96 -13.76 -32.44
CA ALA F 82 23.37 -13.14 -33.70
C ALA F 82 22.77 -11.76 -33.92
N THR F 83 21.89 -11.29 -33.05
CA THR F 83 21.24 -9.99 -33.24
C THR F 83 21.99 -8.93 -32.45
N LYS F 84 22.40 -7.86 -33.14
CA LYS F 84 23.12 -6.78 -32.48
C LYS F 84 22.19 -6.04 -31.52
N THR F 85 22.79 -5.49 -30.46
CA THR F 85 21.99 -4.80 -29.45
C THR F 85 21.67 -3.37 -29.91
N SER F 86 21.19 -3.24 -31.13
CA SER F 86 20.66 -1.96 -31.61
C SER F 86 19.39 -2.17 -32.42
N ASP F 87 18.98 -3.42 -32.64
CA ASP F 87 17.67 -3.73 -33.18
C ASP F 87 16.70 -4.12 -32.08
N LEU F 88 17.14 -4.11 -30.82
CA LEU F 88 16.26 -4.40 -29.69
C LEU F 88 15.94 -3.12 -28.93
N TRP F 89 16.95 -2.37 -28.49
CA TRP F 89 16.73 -1.12 -27.76
C TRP F 89 17.69 -0.06 -28.28
N ASN F 90 17.15 0.90 -29.02
CA ASN F 90 17.85 2.10 -29.46
C ASN F 90 17.04 3.29 -28.97
N PRO F 91 17.68 4.46 -28.77
CA PRO F 91 17.02 5.54 -28.01
C PRO F 91 15.65 5.91 -28.54
N LYS F 92 15.52 5.91 -29.86
CA LYS F 92 14.29 6.38 -30.49
C LYS F 92 13.14 5.42 -30.19
N THR F 93 13.41 4.12 -30.11
CA THR F 93 12.38 3.17 -29.69
C THR F 93 11.96 3.40 -28.24
N ALA F 94 12.91 3.74 -27.36
CA ALA F 94 12.54 4.04 -25.99
C ALA F 94 11.64 5.27 -25.90
N LEU F 95 11.97 6.31 -26.67
CA LEU F 95 11.10 7.48 -26.72
C LEU F 95 9.71 7.11 -27.22
N HIS F 96 9.65 6.28 -28.26
CA HIS F 96 8.34 5.89 -28.79
C HIS F 96 7.55 5.06 -27.79
N GLU F 97 8.20 4.16 -27.05
CA GLU F 97 7.47 3.35 -26.08
C GLU F 97 6.94 4.19 -24.93
N LEU F 98 7.77 5.07 -24.39
CA LEU F 98 7.28 5.96 -23.36
C LEU F 98 6.14 6.85 -23.86
N LEU F 99 6.23 7.35 -25.09
CA LEU F 99 5.15 8.15 -25.64
C LEU F 99 3.87 7.33 -25.82
N GLN F 100 3.99 6.08 -26.26
CA GLN F 100 2.83 5.19 -26.30
C GLN F 100 2.17 5.08 -24.95
N MET F 101 2.98 4.92 -23.90
CA MET F 101 2.41 4.78 -22.57
C MET F 101 1.77 6.08 -22.10
N VAL F 102 2.31 7.22 -22.56
CA VAL F 102 1.74 8.51 -22.19
C VAL F 102 0.38 8.72 -22.83
N ARG F 103 0.24 8.43 -24.12
CA ARG F 103 -0.98 8.77 -24.85
C ARG F 103 -2.06 7.68 -24.79
N ASP F 104 -1.83 6.64 -24.04
CA ASP F 104 -2.84 5.60 -23.89
C ASP F 104 -3.75 5.89 -22.70
N PRO F 105 -5.04 6.10 -22.93
CA PRO F 105 -5.95 6.42 -21.81
C PRO F 105 -6.48 5.18 -21.09
N THR F 106 -5.57 4.25 -20.77
CA THR F 106 -5.95 3.06 -20.02
C THR F 106 -4.83 2.67 -19.05
N VAL F 107 -3.86 3.55 -18.82
CA VAL F 107 -2.60 3.20 -18.18
C VAL F 107 -2.64 3.65 -16.72
N LYS F 108 -3.83 4.01 -16.23
CA LYS F 108 -3.96 4.66 -14.94
C LYS F 108 -3.19 5.98 -14.98
N ASP F 109 -3.21 6.73 -13.88
CA ASP F 109 -2.69 8.08 -13.94
C ASP F 109 -1.31 8.24 -13.32
N SER F 110 -0.97 7.46 -12.30
CA SER F 110 0.38 7.47 -11.74
C SER F 110 1.42 7.00 -12.75
N SER F 111 1.12 5.96 -13.53
CA SER F 111 2.04 5.53 -14.56
C SER F 111 2.24 6.58 -15.63
N ARG F 112 1.18 7.28 -16.05
CA ARG F 112 1.35 8.36 -17.02
C ARG F 112 2.22 9.47 -16.45
N LEU F 113 1.99 9.82 -15.18
CA LEU F 113 2.85 10.84 -14.57
C LEU F 113 4.30 10.41 -14.56
N SER F 114 4.57 9.17 -14.18
CA SER F 114 5.96 8.71 -14.15
C SER F 114 6.57 8.68 -15.55
N ALA F 115 5.79 8.29 -16.56
CA ALA F 115 6.30 8.30 -17.92
C ALA F 115 6.65 9.72 -18.37
N ILE F 116 5.82 10.69 -18.01
CA ILE F 116 6.14 12.09 -18.33
C ILE F 116 7.43 12.50 -17.61
N LYS F 117 7.57 12.07 -16.35
CA LYS F 117 8.79 12.39 -15.61
C LYS F 117 10.03 11.85 -16.31
N GLU F 118 9.96 10.62 -16.79
CA GLU F 118 11.15 10.00 -17.37
C GLU F 118 11.45 10.56 -18.75
N LEU F 119 10.40 10.86 -19.54
CA LEU F 119 10.64 11.56 -20.78
C LEU F 119 11.24 12.93 -20.53
N ASN F 120 10.88 13.55 -19.40
CA ASN F 120 11.46 14.83 -19.02
C ASN F 120 12.94 14.68 -18.70
N VAL F 121 13.27 13.65 -17.93
CA VAL F 121 14.64 13.42 -17.47
C VAL F 121 15.55 13.10 -18.66
N LEU F 122 15.08 12.25 -19.57
CA LEU F 122 15.90 11.81 -20.69
C LEU F 122 16.33 12.97 -21.58
N ALA F 123 15.38 13.63 -22.22
CA ALA F 123 15.73 14.58 -23.27
C ALA F 123 15.91 16.00 -22.73
N GLU F 124 16.67 16.13 -21.63
CA GLU F 124 17.14 17.40 -21.07
C GLU F 124 16.14 18.55 -21.27
N ILE F 125 14.88 18.30 -20.97
CA ILE F 125 13.80 19.16 -21.44
C ILE F 125 13.29 19.98 -20.25
N THR F 126 14.14 20.14 -19.25
CA THR F 126 13.80 20.95 -18.07
C THR F 126 13.80 22.44 -18.43
N PHE F 127 12.77 22.82 -19.19
CA PHE F 127 12.57 24.20 -19.64
C PHE F 127 13.64 24.64 -20.63
N VAL F 128 14.45 23.70 -21.12
CA VAL F 128 15.51 24.02 -22.06
C VAL F 128 15.48 23.09 -23.27
N GLN G 14 4.02 -45.79 -13.30
CA GLN G 14 4.22 -45.41 -11.92
C GLN G 14 3.22 -44.34 -11.47
N GLU G 15 1.99 -44.78 -11.16
CA GLU G 15 0.95 -43.91 -10.65
C GLU G 15 0.98 -43.81 -9.12
N PHE G 16 1.93 -44.48 -8.49
CA PHE G 16 2.10 -44.41 -7.04
C PHE G 16 3.05 -43.29 -6.68
N ALA G 17 3.43 -43.20 -5.40
CA ALA G 17 4.46 -42.26 -4.98
C ALA G 17 5.68 -43.04 -4.51
N ASP G 18 6.55 -43.41 -5.45
CA ASP G 18 7.68 -44.28 -5.17
C ASP G 18 8.99 -43.55 -5.47
N PRO G 19 9.83 -43.31 -4.46
CA PRO G 19 11.13 -42.69 -4.74
C PRO G 19 12.05 -43.56 -5.58
N HIS G 20 12.38 -44.76 -5.09
CA HIS G 20 13.36 -45.58 -5.76
C HIS G 20 12.70 -46.53 -6.75
N PHE G 21 12.65 -46.11 -8.02
CA PHE G 21 12.27 -46.96 -9.13
C PHE G 21 13.15 -46.65 -10.32
N ALA G 22 14.28 -45.99 -10.06
CA ALA G 22 15.21 -45.57 -11.09
C ALA G 22 15.94 -46.78 -11.67
N ALA G 23 16.85 -46.49 -12.62
CA ALA G 23 17.63 -47.45 -13.40
C ALA G 23 16.76 -48.25 -14.36
N ILE G 24 15.44 -48.08 -14.33
CA ILE G 24 14.54 -48.62 -15.33
C ILE G 24 14.07 -47.53 -16.28
N ASN G 25 13.67 -46.40 -15.72
CA ASN G 25 13.38 -45.18 -16.49
C ASN G 25 14.51 -44.20 -16.19
N GLN G 26 15.54 -44.21 -17.01
CA GLN G 26 16.73 -43.40 -16.74
C GLN G 26 16.87 -42.27 -17.75
N LYS G 27 16.48 -42.51 -19.00
CA LYS G 27 16.52 -41.45 -19.99
C LYS G 27 15.50 -40.35 -19.71
N ARG G 28 14.34 -40.70 -19.15
CA ARG G 28 13.36 -39.69 -18.78
C ARG G 28 13.87 -38.82 -17.62
N PHE G 29 14.55 -39.43 -16.66
CA PHE G 29 15.11 -38.65 -15.55
C PHE G 29 16.20 -37.69 -16.00
N ASP G 30 16.87 -37.96 -17.12
CA ASP G 30 17.89 -37.03 -17.59
C ASP G 30 17.26 -35.80 -18.23
N LEU G 31 16.18 -35.98 -18.98
CA LEU G 31 15.47 -34.84 -19.56
C LEU G 31 14.93 -33.94 -18.47
N TYR G 32 14.34 -34.53 -17.43
CA TYR G 32 13.83 -33.77 -16.30
C TYR G 32 14.95 -32.99 -15.61
N ILE G 33 16.07 -33.65 -15.37
CA ILE G 33 17.18 -32.99 -14.68
C ILE G 33 17.71 -31.83 -15.51
N ASP G 34 17.84 -32.03 -16.82
CA ASP G 34 18.37 -30.96 -17.67
C ASP G 34 17.40 -29.78 -17.74
N LEU G 35 16.11 -30.06 -17.95
CA LEU G 35 15.13 -28.98 -18.03
C LEU G 35 15.04 -28.23 -16.72
N ARG G 36 15.19 -28.93 -15.59
CA ARG G 36 15.13 -28.25 -14.31
C ARG G 36 16.39 -27.43 -14.05
N VAL G 37 17.56 -27.97 -14.42
CA VAL G 37 18.81 -27.26 -14.17
C VAL G 37 18.91 -26.04 -15.05
N GLN G 38 18.25 -26.05 -16.22
CA GLN G 38 18.23 -24.84 -17.03
C GLN G 38 17.45 -23.74 -16.35
N GLY G 39 16.52 -24.08 -15.46
CA GLY G 39 15.86 -23.11 -14.62
C GLY G 39 14.35 -23.08 -14.71
N TYR G 40 13.72 -23.77 -15.66
CA TYR G 40 12.26 -23.70 -15.75
C TYR G 40 11.64 -24.37 -14.54
N SER G 41 10.41 -23.95 -14.22
CA SER G 41 9.78 -24.35 -12.98
C SER G 41 9.42 -25.83 -12.99
N SER G 42 9.10 -26.34 -11.80
CA SER G 42 8.54 -27.68 -11.68
C SER G 42 7.06 -27.64 -12.05
N TRP G 43 6.35 -28.69 -11.65
CA TRP G 43 4.93 -28.85 -11.98
C TRP G 43 4.76 -29.11 -13.47
N ARG G 44 5.09 -28.14 -14.32
CA ARG G 44 4.81 -28.35 -15.74
C ARG G 44 5.76 -29.38 -16.33
N VAL G 45 7.04 -29.30 -15.99
CA VAL G 45 8.02 -30.23 -16.53
C VAL G 45 7.56 -31.67 -16.31
N PHE G 46 6.85 -31.90 -15.21
CA PHE G 46 6.21 -33.19 -14.98
C PHE G 46 5.18 -33.47 -16.06
N ARG G 47 4.37 -32.48 -16.42
CA ARG G 47 3.39 -32.67 -17.49
C ARG G 47 4.09 -33.01 -18.80
N ALA G 48 5.22 -32.34 -19.05
CA ALA G 48 5.96 -32.50 -20.28
C ALA G 48 6.55 -33.89 -20.43
N ILE G 49 7.23 -34.37 -19.39
CA ILE G 49 8.03 -35.58 -19.53
C ILE G 49 7.25 -36.81 -19.11
N TRP G 50 6.33 -36.64 -18.16
CA TRP G 50 5.56 -37.78 -17.66
C TRP G 50 4.09 -37.68 -18.08
N GLY G 51 3.82 -37.01 -19.20
CA GLY G 51 2.49 -37.00 -19.75
C GLY G 51 1.49 -36.30 -18.84
N GLU G 52 0.25 -36.76 -18.91
CA GLU G 52 -0.85 -36.19 -18.15
C GLU G 52 -1.18 -36.99 -16.90
N GLU G 53 -0.16 -37.54 -16.24
CA GLU G 53 -0.37 -38.32 -15.01
C GLU G 53 -0.67 -37.41 -13.83
N HIS G 54 -0.91 -36.13 -14.10
CA HIS G 54 -1.28 -35.20 -13.05
C HIS G 54 -2.63 -35.55 -12.45
N MET G 55 -2.85 -35.10 -11.22
CA MET G 55 -4.08 -35.35 -10.46
C MET G 55 -4.34 -36.84 -10.27
N ASP G 56 -3.30 -37.67 -10.35
CA ASP G 56 -3.42 -39.09 -10.04
C ASP G 56 -3.84 -39.25 -8.59
N GLY G 57 -3.00 -38.79 -7.67
CA GLY G 57 -3.39 -38.58 -6.30
C GLY G 57 -3.21 -37.13 -5.96
N PRO G 58 -2.33 -36.83 -5.03
CA PRO G 58 -1.84 -35.45 -4.89
C PRO G 58 -0.68 -35.21 -5.84
N ALA G 59 -0.86 -34.30 -6.80
CA ALA G 59 0.20 -34.06 -7.78
C ALA G 59 1.46 -33.53 -7.13
N GLN G 60 1.32 -32.61 -6.18
CA GLN G 60 2.49 -32.09 -5.48
C GLN G 60 3.22 -33.20 -4.74
N ALA G 61 2.47 -34.18 -4.21
CA ALA G 61 3.09 -35.30 -3.52
C ALA G 61 3.99 -36.09 -4.45
N ARG G 62 3.48 -36.48 -5.62
CA ARG G 62 4.31 -37.23 -6.56
C ARG G 62 5.49 -36.39 -7.03
N ILE G 63 5.25 -35.10 -7.27
CA ILE G 63 6.32 -34.23 -7.78
C ILE G 63 7.47 -34.14 -6.78
N PHE G 64 7.16 -33.83 -5.52
CA PHE G 64 8.25 -33.71 -4.55
C PHE G 64 8.73 -35.07 -4.07
N ALA G 65 8.01 -36.14 -4.38
CA ALA G 65 8.54 -37.46 -4.10
C ALA G 65 9.63 -37.82 -5.10
N MET G 66 9.41 -37.50 -6.37
CA MET G 66 10.47 -37.69 -7.36
C MET G 66 11.56 -36.65 -7.21
N GLU G 67 11.25 -35.53 -6.55
CA GLU G 67 12.23 -34.48 -6.26
C GLU G 67 13.17 -34.85 -5.13
N SER G 68 12.98 -36.02 -4.50
CA SER G 68 13.76 -36.41 -3.33
C SER G 68 14.57 -37.67 -3.54
N ASN G 69 14.75 -38.11 -4.78
CA ASN G 69 15.52 -39.32 -5.01
C ASN G 69 17.01 -39.05 -4.76
N PRO G 70 17.71 -39.95 -4.06
CA PRO G 70 19.17 -39.81 -3.97
C PRO G 70 19.84 -39.75 -5.32
N TYR G 71 19.40 -40.59 -6.27
CA TYR G 71 19.88 -40.51 -7.64
C TYR G 71 19.62 -39.13 -8.22
N TYR G 72 18.38 -38.65 -8.08
CA TYR G 72 18.07 -37.29 -8.52
C TYR G 72 19.05 -36.31 -7.90
N ARG G 73 19.04 -36.21 -6.58
CA ARG G 73 19.85 -35.21 -5.88
C ARG G 73 21.30 -35.21 -6.37
N LYS G 74 21.92 -36.40 -6.45
CA LYS G 74 23.32 -36.44 -6.84
C LYS G 74 23.52 -35.97 -8.28
N GLN G 75 22.69 -36.47 -9.21
CA GLN G 75 22.88 -36.06 -10.61
C GLN G 75 22.54 -34.59 -10.82
N PHE G 76 21.51 -34.09 -10.13
CA PHE G 76 21.14 -32.69 -10.21
C PHE G 76 22.27 -31.80 -9.71
N LYS G 77 22.87 -32.17 -8.56
CA LYS G 77 23.99 -31.39 -8.06
C LYS G 77 25.16 -31.40 -9.03
N ALA G 78 25.46 -32.58 -9.59
CA ALA G 78 26.58 -32.67 -10.52
C ALA G 78 26.35 -31.81 -11.75
N LYS G 79 25.19 -31.93 -12.38
CA LYS G 79 24.89 -31.16 -13.59
C LYS G 79 24.80 -29.68 -13.29
N LEU G 80 24.31 -29.33 -12.10
CA LEU G 80 24.18 -27.92 -11.75
C LEU G 80 25.55 -27.29 -11.53
N ASN G 81 26.45 -28.01 -10.88
CA ASN G 81 27.80 -27.50 -10.67
C ASN G 81 28.65 -27.58 -11.92
N ALA G 82 28.26 -28.37 -12.92
CA ALA G 82 29.02 -28.51 -14.14
C ALA G 82 28.69 -27.47 -15.22
N THR G 83 27.67 -26.63 -14.99
CA THR G 83 27.26 -25.65 -15.99
C THR G 83 27.93 -24.31 -15.71
N LYS G 84 28.63 -23.77 -16.70
CA LYS G 84 29.30 -22.49 -16.55
C LYS G 84 28.26 -21.37 -16.40
N THR G 85 28.63 -20.33 -15.66
CA THR G 85 27.71 -19.22 -15.42
C THR G 85 27.69 -18.27 -16.61
N SER G 86 27.54 -18.83 -17.82
CA SER G 86 27.30 -18.01 -19.00
C SER G 86 26.25 -18.66 -19.90
N ASP G 87 25.76 -19.84 -19.54
CA ASP G 87 24.59 -20.43 -20.16
C ASP G 87 23.34 -20.19 -19.34
N LEU G 88 23.46 -19.50 -18.21
CA LEU G 88 22.32 -19.16 -17.37
C LEU G 88 21.97 -17.68 -17.50
N TRP G 89 22.93 -16.78 -17.27
CA TRP G 89 22.70 -15.34 -17.38
C TRP G 89 23.88 -14.70 -18.10
N ASN G 90 23.66 -14.31 -19.34
CA ASN G 90 24.58 -13.51 -20.13
C ASN G 90 23.83 -12.26 -20.58
N PRO G 91 24.55 -11.14 -20.85
CA PRO G 91 23.87 -9.84 -20.98
C PRO G 91 22.71 -9.84 -21.97
N LYS G 92 22.92 -10.55 -23.07
CA LYS G 92 21.94 -10.53 -24.15
C LYS G 92 20.64 -11.20 -23.73
N THR G 93 20.72 -12.26 -22.92
CA THR G 93 19.50 -12.86 -22.35
C THR G 93 18.78 -11.90 -21.42
N ALA G 94 19.52 -11.12 -20.63
CA ALA G 94 18.89 -10.14 -19.76
C ALA G 94 18.14 -9.09 -20.58
N LEU G 95 18.78 -8.61 -21.65
CA LEU G 95 18.10 -7.67 -22.54
C LEU G 95 16.83 -8.28 -23.12
N HIS G 96 16.92 -9.54 -23.56
CA HIS G 96 15.74 -10.18 -24.13
C HIS G 96 14.63 -10.36 -23.11
N GLU G 97 14.97 -10.72 -21.86
CA GLU G 97 13.93 -10.91 -20.85
C GLU G 97 13.24 -9.60 -20.51
N LEU G 98 14.03 -8.54 -20.31
CA LEU G 98 13.42 -7.25 -20.06
C LEU G 98 12.56 -6.79 -21.24
N LEU G 99 13.00 -7.04 -22.47
CA LEU G 99 12.20 -6.68 -23.62
C LEU G 99 10.90 -7.49 -23.69
N GLN G 100 10.96 -8.78 -23.35
CA GLN G 100 9.75 -9.59 -23.25
C GLN G 100 8.78 -8.98 -22.27
N MET G 101 9.28 -8.53 -21.12
CA MET G 101 8.40 -7.94 -20.12
C MET G 101 7.83 -6.61 -20.60
N VAL G 102 8.61 -5.88 -21.40
CA VAL G 102 8.13 -4.61 -21.95
C VAL G 102 6.99 -4.81 -22.94
N ARG G 103 7.13 -5.75 -23.87
CA ARG G 103 6.17 -5.88 -24.96
C ARG G 103 5.00 -6.79 -24.64
N ASP G 104 4.90 -7.28 -23.41
CA ASP G 104 3.76 -8.10 -23.04
C ASP G 104 2.63 -7.23 -22.47
N PRO G 105 1.47 -7.21 -23.13
CA PRO G 105 0.37 -6.38 -22.62
C PRO G 105 -0.46 -7.05 -21.55
N THR G 106 0.21 -7.64 -20.55
CA THR G 106 -0.48 -8.26 -19.43
C THR G 106 0.32 -8.03 -18.13
N VAL G 107 1.30 -7.15 -18.15
CA VAL G 107 2.31 -7.08 -17.11
C VAL G 107 1.99 -5.91 -16.17
N LYS G 108 0.77 -5.38 -16.27
CA LYS G 108 0.40 -4.14 -15.61
C LYS G 108 1.32 -3.02 -16.11
N ASP G 109 1.14 -1.81 -15.61
CA ASP G 109 1.81 -0.69 -16.24
C ASP G 109 3.02 -0.19 -15.44
N SER G 110 2.98 -0.28 -14.11
CA SER G 110 4.15 0.05 -13.30
C SER G 110 5.34 -0.85 -13.59
N SER G 111 5.11 -2.16 -13.77
CA SER G 111 6.19 -3.06 -14.12
C SER G 111 6.78 -2.72 -15.49
N ARG G 112 5.94 -2.39 -16.46
CA ARG G 112 6.47 -2.00 -17.77
C ARG G 112 7.31 -0.73 -17.65
N LEU G 113 6.84 0.25 -16.88
CA LEU G 113 7.63 1.45 -16.67
C LEU G 113 8.97 1.14 -16.04
N SER G 114 8.99 0.29 -15.02
CA SER G 114 10.26 -0.04 -14.38
C SER G 114 11.18 -0.81 -15.34
N ALA G 115 10.63 -1.69 -16.17
CA ALA G 115 11.44 -2.40 -17.14
C ALA G 115 12.07 -1.43 -18.14
N ILE G 116 11.30 -0.44 -18.58
CA ILE G 116 11.86 0.58 -19.48
C ILE G 116 12.98 1.35 -18.76
N LYS G 117 12.76 1.66 -17.48
CA LYS G 117 13.79 2.36 -16.71
C LYS G 117 15.09 1.56 -16.67
N GLU G 118 14.98 0.26 -16.43
CA GLU G 118 16.19 -0.54 -16.26
C GLU G 118 16.88 -0.80 -17.59
N LEU G 119 16.10 -0.99 -18.66
CA LEU G 119 16.72 -1.06 -19.98
C LEU G 119 17.41 0.25 -20.31
N ASN G 120 16.86 1.36 -19.83
CA ASN G 120 17.48 2.67 -20.02
C ASN G 120 18.82 2.74 -19.29
N VAL G 121 18.82 2.30 -18.03
CA VAL G 121 20.00 2.38 -17.18
C VAL G 121 21.12 1.50 -17.73
N LEU G 122 20.78 0.29 -18.14
CA LEU G 122 21.80 -0.66 -18.60
C LEU G 122 22.56 -0.15 -19.81
N ALA G 123 21.89 0.04 -20.94
CA ALA G 123 22.59 0.30 -22.18
C ALA G 123 22.83 1.79 -22.42
N GLU G 124 23.30 2.50 -21.40
CA GLU G 124 23.77 3.89 -21.48
C GLU G 124 23.00 4.72 -22.51
N ILE G 125 21.68 4.64 -22.48
CA ILE G 125 20.86 5.10 -23.60
C ILE G 125 20.18 6.40 -23.20
N THR G 126 20.78 7.11 -22.24
CA THR G 126 20.27 8.40 -21.80
C THR G 126 20.55 9.46 -22.87
N PHE G 127 19.78 9.37 -23.96
CA PHE G 127 19.87 10.28 -25.10
C PHE G 127 21.19 10.15 -25.83
N VAL G 128 21.97 9.12 -25.52
CA VAL G 128 23.27 8.92 -26.16
C VAL G 128 23.41 7.49 -26.67
N GLN H 14 1.39 -45.71 14.13
CA GLN H 14 1.29 -44.63 15.11
C GLN H 14 0.36 -43.53 14.64
N GLU H 15 -0.94 -43.76 14.80
CA GLU H 15 -1.96 -42.77 14.47
C GLU H 15 -2.31 -41.88 15.67
N PHE H 16 -1.62 -42.08 16.78
CA PHE H 16 -1.80 -41.25 17.97
C PHE H 16 -0.83 -40.07 17.94
N ALA H 17 -0.76 -39.31 19.03
CA ALA H 17 0.24 -38.27 19.16
C ALA H 17 1.21 -38.64 20.27
N ASP H 18 2.23 -39.43 19.94
CA ASP H 18 3.14 -39.98 20.93
C ASP H 18 4.56 -39.49 20.66
N PRO H 19 5.16 -38.73 21.57
CA PRO H 19 6.55 -38.32 21.38
C PRO H 19 7.53 -39.49 21.40
N HIS H 20 7.58 -40.23 22.50
CA HIS H 20 8.59 -41.26 22.66
C HIS H 20 8.08 -42.61 22.17
N PHE H 21 8.38 -42.93 20.92
CA PHE H 21 8.18 -44.26 20.36
C PHE H 21 9.35 -44.60 19.46
N ALA H 22 10.46 -43.88 19.65
CA ALA H 22 11.66 -44.05 18.83
C ALA H 22 12.35 -45.36 19.18
N ALA H 23 13.49 -45.60 18.52
CA ALA H 23 14.31 -46.81 18.60
C ALA H 23 13.61 -48.02 18.00
N ILE H 24 12.35 -47.89 17.58
CA ILE H 24 11.66 -48.91 16.81
C ILE H 24 11.58 -48.51 15.34
N ASN H 25 11.19 -47.26 15.09
CA ASN H 25 11.25 -46.65 13.77
C ASN H 25 12.38 -45.63 13.80
N GLN H 26 13.58 -46.06 13.42
CA GLN H 26 14.75 -45.19 13.54
C GLN H 26 15.28 -44.77 12.17
N LYS H 27 15.17 -45.65 11.18
CA LYS H 27 15.58 -45.29 9.83
C LYS H 27 14.67 -44.23 9.22
N ARG H 28 13.38 -44.25 9.53
CA ARG H 28 12.45 -43.22 9.05
C ARG H 28 12.77 -41.86 9.67
N PHE H 29 13.12 -41.85 10.96
CA PHE H 29 13.50 -40.59 11.60
C PHE H 29 14.77 -39.99 11.02
N ASP H 30 15.66 -40.79 10.45
CA ASP H 30 16.86 -40.23 9.85
C ASP H 30 16.56 -39.54 8.52
N LEU H 31 15.68 -40.13 7.72
CA LEU H 31 15.29 -39.50 6.46
C LEU H 31 14.60 -38.16 6.73
N TYR H 32 13.72 -38.13 7.73
CA TYR H 32 13.04 -36.89 8.10
C TYR H 32 14.05 -35.83 8.56
N ILE H 33 15.00 -36.24 9.40
CA ILE H 33 15.97 -35.28 9.92
C ILE H 33 16.83 -34.73 8.78
N ASP H 34 17.24 -35.59 7.86
CA ASP H 34 18.09 -35.13 6.77
C ASP H 34 17.32 -34.20 5.82
N LEU H 35 16.10 -34.59 5.45
CA LEU H 35 15.31 -33.74 4.56
C LEU H 35 14.99 -32.40 5.22
N ARG H 36 14.77 -32.39 6.53
CA ARG H 36 14.50 -31.13 7.20
C ARG H 36 15.74 -30.28 7.32
N VAL H 37 16.89 -30.90 7.62
CA VAL H 37 18.12 -30.13 7.79
C VAL H 37 18.59 -29.56 6.47
N GLN H 38 18.23 -30.22 5.35
CA GLN H 38 18.56 -29.63 4.06
C GLN H 38 17.78 -28.34 3.82
N GLY H 39 16.63 -28.19 4.47
CA GLY H 39 15.90 -26.94 4.48
C GLY H 39 14.48 -26.99 3.97
N TYR H 40 14.02 -28.10 3.39
CA TYR H 40 12.65 -28.12 2.89
C TYR H 40 11.67 -28.06 4.05
N SER H 41 10.47 -27.57 3.76
CA SER H 41 9.51 -27.26 4.80
C SER H 41 8.98 -28.53 5.46
N SER H 42 8.32 -28.33 6.60
CA SER H 42 7.59 -29.41 7.25
C SER H 42 6.27 -29.62 6.53
N TRP H 43 5.34 -30.31 7.21
CA TRP H 43 4.05 -30.66 6.65
C TRP H 43 4.21 -31.67 5.53
N ARG H 44 4.85 -31.30 4.41
CA ARG H 44 4.89 -32.24 3.31
C ARG H 44 5.83 -33.40 3.62
N VAL H 45 7.00 -33.12 4.20
CA VAL H 45 7.95 -34.18 4.51
C VAL H 45 7.27 -35.28 5.31
N PHE H 46 6.30 -34.91 6.14
CA PHE H 46 5.46 -35.88 6.81
C PHE H 46 4.69 -36.73 5.82
N ARG H 47 4.13 -36.11 4.78
CA ARG H 47 3.43 -36.86 3.75
C ARG H 47 4.37 -37.82 3.06
N ALA H 48 5.59 -37.38 2.81
CA ALA H 48 6.60 -38.15 2.09
C ALA H 48 7.02 -39.39 2.86
N ILE H 49 7.37 -39.22 4.13
CA ILE H 49 8.03 -40.30 4.85
C ILE H 49 7.02 -41.13 5.63
N TRP H 50 5.92 -40.51 6.07
CA TRP H 50 4.91 -41.21 6.85
C TRP H 50 3.62 -41.41 6.06
N GLY H 51 3.72 -41.44 4.74
CA GLY H 51 2.56 -41.75 3.92
C GLY H 51 1.47 -40.70 4.03
N GLU H 52 0.23 -41.16 3.87
CA GLU H 52 -0.93 -40.29 3.90
C GLU H 52 -1.65 -40.32 5.25
N GLU H 53 -0.91 -40.41 6.34
CA GLU H 53 -1.49 -40.41 7.67
C GLU H 53 -1.96 -39.02 8.08
N HIS H 54 -1.98 -38.09 7.13
CA HIS H 54 -2.46 -36.74 7.40
C HIS H 54 -3.95 -36.77 7.70
N MET H 55 -4.40 -35.73 8.41
CA MET H 55 -5.79 -35.57 8.81
C MET H 55 -6.28 -36.73 9.68
N ASP H 56 -5.36 -37.44 10.33
CA ASP H 56 -5.72 -38.49 11.27
C ASP H 56 -6.50 -37.87 12.42
N GLY H 57 -5.86 -36.96 13.15
CA GLY H 57 -6.54 -36.07 14.06
C GLY H 57 -6.27 -34.64 13.62
N PRO H 58 -5.60 -33.87 14.47
CA PRO H 58 -5.00 -32.62 13.99
C PRO H 58 -3.62 -32.89 13.40
N ALA H 59 -3.45 -32.65 12.11
CA ALA H 59 -2.17 -32.94 11.47
C ALA H 59 -1.05 -32.11 12.07
N GLN H 60 -1.29 -30.82 12.32
CA GLN H 60 -0.27 -29.99 12.93
C GLN H 60 0.11 -30.51 14.31
N ALA H 61 -0.87 -31.07 15.03
CA ALA H 61 -0.57 -31.63 16.35
C ALA H 61 0.42 -32.78 16.25
N ARG H 62 0.16 -33.74 15.37
CA ARG H 62 1.10 -34.85 15.22
C ARG H 62 2.45 -34.37 14.72
N ILE H 63 2.45 -33.41 13.79
CA ILE H 63 3.70 -32.93 13.22
C ILE H 63 4.57 -32.29 14.29
N PHE H 64 4.01 -31.36 15.07
CA PHE H 64 4.84 -30.71 16.08
C PHE H 64 5.02 -31.58 17.31
N ALA H 65 4.26 -32.68 17.42
CA ALA H 65 4.55 -33.64 18.48
C ALA H 65 5.79 -34.44 18.15
N MET H 66 5.93 -34.85 16.89
CA MET H 66 7.17 -35.52 16.49
C MET H 66 8.31 -34.52 16.36
N GLU H 67 7.99 -33.24 16.21
CA GLU H 67 8.98 -32.18 16.17
C GLU H 67 9.57 -31.86 17.55
N SER H 68 9.10 -32.51 18.61
CA SER H 68 9.51 -32.19 19.97
C SER H 68 10.19 -33.35 20.68
N ASN H 69 10.61 -34.39 19.95
CA ASN H 69 11.26 -35.51 20.58
C ASN H 69 12.65 -35.11 21.06
N PRO H 70 13.05 -35.48 22.28
CA PRO H 70 14.45 -35.27 22.68
C PRO H 70 15.43 -35.93 21.74
N TYR H 71 15.13 -37.15 21.29
CA TYR H 71 15.94 -37.81 20.26
C TYR H 71 16.00 -36.96 19.00
N TYR H 72 14.83 -36.51 18.53
CA TYR H 72 14.80 -35.60 17.39
C TYR H 72 15.72 -34.42 17.64
N ARG H 73 15.41 -33.62 18.67
CA ARG H 73 16.14 -32.39 18.92
C ARG H 73 17.65 -32.61 18.93
N LYS H 74 18.12 -33.65 19.63
CA LYS H 74 19.57 -33.86 19.72
C LYS H 74 20.16 -34.23 18.37
N GLN H 75 19.53 -35.16 17.64
CA GLN H 75 20.09 -35.56 16.36
C GLN H 75 20.00 -34.43 15.33
N PHE H 76 18.90 -33.68 15.35
CA PHE H 76 18.74 -32.54 14.46
C PHE H 76 19.82 -31.49 14.71
N LYS H 77 20.08 -31.18 15.98
CA LYS H 77 21.12 -30.21 16.29
C LYS H 77 22.48 -30.72 15.83
N ALA H 78 22.77 -31.99 16.07
CA ALA H 78 24.06 -32.55 15.67
C ALA H 78 24.24 -32.47 14.15
N LYS H 79 23.26 -32.96 13.39
CA LYS H 79 23.37 -32.96 11.94
C LYS H 79 23.38 -31.55 11.38
N LEU H 80 22.67 -30.62 12.02
CA LEU H 80 22.62 -29.25 11.55
C LEU H 80 23.98 -28.58 11.76
N ASN H 81 24.59 -28.81 12.92
CA ASN H 81 25.91 -28.23 13.19
C ASN H 81 27.02 -28.94 12.44
N ALA H 82 26.78 -30.15 11.93
CA ALA H 82 27.80 -30.91 11.22
C ALA H 82 27.86 -30.61 9.72
N THR H 83 26.94 -29.81 9.20
CA THR H 83 26.90 -29.52 7.76
C THR H 83 27.64 -28.22 7.48
N LYS H 84 28.62 -28.28 6.57
CA LYS H 84 29.38 -27.09 6.22
C LYS H 84 28.49 -26.09 5.48
N THR H 85 28.80 -24.81 5.63
CA THR H 85 27.99 -23.78 5.00
C THR H 85 28.38 -23.61 3.54
N SER H 86 28.45 -24.72 2.81
CA SER H 86 28.61 -24.68 1.36
C SER H 86 27.73 -25.72 0.68
N ASP H 87 27.03 -26.54 1.47
CA ASP H 87 25.99 -27.40 0.95
C ASP H 87 24.62 -26.80 1.15
N LEU H 88 24.54 -25.60 1.74
CA LEU H 88 23.28 -24.90 1.93
C LEU H 88 23.16 -23.73 0.96
N TRP H 89 24.13 -22.82 0.95
CA TRP H 89 24.12 -21.67 0.05
C TRP H 89 25.51 -21.49 -0.55
N ASN H 90 25.65 -21.82 -1.83
CA ASN H 90 26.82 -21.53 -2.63
C ASN H 90 26.37 -20.73 -3.85
N PRO H 91 27.26 -19.92 -4.45
CA PRO H 91 26.79 -18.91 -5.42
C PRO H 91 25.93 -19.47 -6.53
N LYS H 92 26.29 -20.65 -7.01
CA LYS H 92 25.62 -21.23 -8.15
C LYS H 92 24.19 -21.61 -7.81
N THR H 93 23.94 -22.07 -6.59
CA THR H 93 22.56 -22.31 -6.15
C THR H 93 21.76 -21.02 -6.07
N ALA H 94 22.38 -19.92 -5.64
CA ALA H 94 21.66 -18.64 -5.62
C ALA H 94 21.29 -18.21 -7.04
N LEU H 95 22.21 -18.36 -7.98
CA LEU H 95 21.89 -18.05 -9.38
C LEU H 95 20.73 -18.92 -9.86
N HIS H 96 20.77 -20.21 -9.54
CA HIS H 96 19.70 -21.09 -9.99
C HIS H 96 18.35 -20.73 -9.36
N GLU H 97 18.33 -20.36 -8.09
CA GLU H 97 17.06 -20.01 -7.45
C GLU H 97 16.49 -18.73 -8.03
N LEU H 98 17.33 -17.69 -8.21
CA LEU H 98 16.83 -16.49 -8.85
C LEU H 98 16.35 -16.77 -10.26
N LEU H 99 17.04 -17.62 -11.02
CA LEU H 99 16.59 -17.95 -12.36
C LEU H 99 15.26 -18.70 -12.34
N GLN H 100 15.09 -19.62 -11.38
CA GLN H 100 13.79 -20.27 -11.20
C GLN H 100 12.69 -19.25 -11.00
N MET H 101 12.95 -18.26 -10.16
CA MET H 101 11.93 -17.24 -9.88
C MET H 101 11.66 -16.39 -11.13
N VAL H 102 12.70 -16.19 -11.94
CA VAL H 102 12.52 -15.41 -13.17
C VAL H 102 11.65 -16.13 -14.18
N ARG H 103 11.88 -17.42 -14.42
CA ARG H 103 11.22 -18.14 -15.50
C ARG H 103 9.89 -18.78 -15.07
N ASP H 104 9.44 -18.53 -13.86
CA ASP H 104 8.16 -19.06 -13.43
C ASP H 104 7.04 -18.04 -13.72
N PRO H 105 6.08 -18.40 -14.58
CA PRO H 105 5.00 -17.46 -14.91
C PRO H 105 3.86 -17.48 -13.90
N THR H 106 4.19 -17.43 -12.61
CA THR H 106 3.19 -17.37 -11.57
C THR H 106 3.66 -16.47 -10.42
N VAL H 107 4.72 -15.71 -10.62
CA VAL H 107 5.45 -15.06 -9.55
C VAL H 107 5.06 -13.58 -9.48
N LYS H 108 3.97 -13.23 -10.17
CA LYS H 108 3.62 -11.82 -10.37
C LYS H 108 4.76 -11.13 -11.11
N ASP H 109 4.60 -9.84 -11.39
CA ASP H 109 5.55 -9.20 -12.29
C ASP H 109 6.57 -8.32 -11.58
N SER H 110 6.22 -7.70 -10.47
CA SER H 110 7.19 -6.96 -9.67
C SER H 110 8.28 -7.84 -9.12
N SER H 111 7.94 -9.04 -8.64
CA SER H 111 8.97 -9.97 -8.17
C SER H 111 9.90 -10.40 -9.28
N ARG H 112 9.37 -10.66 -10.48
CA ARG H 112 10.24 -11.01 -11.61
C ARG H 112 11.18 -9.86 -11.94
N LEU H 113 10.65 -8.63 -11.94
CA LEU H 113 11.52 -7.48 -12.20
C LEU H 113 12.63 -7.38 -11.15
N SER H 114 12.29 -7.55 -9.88
CA SER H 114 13.31 -7.46 -8.85
C SER H 114 14.34 -8.58 -8.98
N ALA H 115 13.89 -9.79 -9.34
CA ALA H 115 14.83 -10.89 -9.54
C ALA H 115 15.79 -10.58 -10.67
N ILE H 116 15.29 -10.00 -11.77
CA ILE H 116 16.17 -9.60 -12.86
C ILE H 116 17.15 -8.55 -12.38
N LYS H 117 16.68 -7.61 -11.57
CA LYS H 117 17.57 -6.57 -11.03
C LYS H 117 18.71 -7.19 -10.22
N GLU H 118 18.39 -8.17 -9.38
CA GLU H 118 19.42 -8.72 -8.51
C GLU H 118 20.37 -9.64 -9.27
N LEU H 119 19.86 -10.39 -10.24
CA LEU H 119 20.76 -11.14 -11.11
C LEU H 119 21.66 -10.19 -11.87
N ASN H 120 21.16 -9.00 -12.21
CA ASN H 120 21.97 -7.99 -12.87
C ASN H 120 23.08 -7.50 -11.96
N VAL H 121 22.73 -7.21 -10.71
CA VAL H 121 23.67 -6.64 -9.74
C VAL H 121 24.77 -7.66 -9.43
N LEU H 122 24.39 -8.92 -9.23
CA LEU H 122 25.36 -9.93 -8.83
C LEU H 122 26.45 -10.13 -9.86
N ALA H 123 26.10 -10.59 -11.06
CA ALA H 123 27.11 -11.01 -12.01
C ALA H 123 27.57 -9.89 -12.92
N GLU H 124 27.87 -8.71 -12.33
CA GLU H 124 28.52 -7.58 -13.00
C GLU H 124 28.13 -7.45 -14.46
N ILE H 125 26.83 -7.53 -14.76
CA ILE H 125 26.38 -7.76 -16.12
C ILE H 125 25.80 -6.46 -16.66
N THR H 126 26.23 -5.34 -16.09
CA THR H 126 25.78 -4.02 -16.54
C THR H 126 26.45 -3.69 -17.89
N PHE H 127 25.96 -4.36 -18.93
CA PHE H 127 26.43 -4.21 -20.30
C PHE H 127 27.87 -4.67 -20.47
N VAL H 128 28.41 -5.37 -19.47
CA VAL H 128 29.79 -5.84 -19.54
C VAL H 128 29.87 -7.32 -19.17
N GLN I 14 -7.77 -31.09 35.54
CA GLN I 14 -7.95 -29.67 35.74
C GLN I 14 -8.61 -29.01 34.54
N GLU I 15 -9.94 -29.14 34.43
CA GLU I 15 -10.71 -28.51 33.38
C GLU I 15 -11.22 -27.13 33.79
N PHE I 16 -10.85 -26.68 34.99
CA PHE I 16 -11.21 -25.35 35.47
C PHE I 16 -10.13 -24.36 35.09
N ALA I 17 -10.23 -23.13 35.60
CA ALA I 17 -9.16 -22.15 35.43
C ALA I 17 -8.54 -21.85 36.79
N ASP I 18 -7.59 -22.68 37.22
CA ASP I 18 -7.01 -22.59 38.55
C ASP I 18 -5.53 -22.28 38.46
N PRO I 19 -5.08 -21.14 38.96
CA PRO I 19 -3.64 -20.86 38.98
C PRO I 19 -2.85 -21.81 39.86
N HIS I 20 -3.16 -21.84 41.16
CA HIS I 20 -2.35 -22.61 42.09
C HIS I 20 -2.90 -24.03 42.26
N PHE I 21 -2.33 -24.95 41.49
CA PHE I 21 -2.57 -26.38 41.67
C PHE I 21 -1.25 -27.11 41.45
N ALA I 22 -0.14 -26.39 41.51
CA ALA I 22 1.18 -26.93 41.27
C ALA I 22 1.61 -27.83 42.43
N ALA I 23 2.82 -28.36 42.32
CA ALA I 23 3.45 -29.33 43.23
C ALA I 23 2.77 -30.68 43.19
N ILE I 24 1.67 -30.83 42.44
CA ILE I 24 1.07 -32.12 42.15
C ILE I 24 1.39 -32.57 40.74
N ASN I 25 1.24 -31.65 39.78
CA ASN I 25 1.69 -31.84 38.40
C ASN I 25 2.90 -30.92 38.21
N GLN I 26 4.09 -31.47 38.44
CA GLN I 26 5.30 -30.64 38.41
C GLN I 26 6.19 -31.00 37.23
N LYS I 27 6.22 -32.28 36.85
CA LYS I 27 6.98 -32.68 35.67
C LYS I 27 6.38 -32.14 34.38
N ARG I 28 5.06 -32.02 34.30
CA ARG I 28 4.42 -31.43 33.12
C ARG I 28 4.75 -29.94 33.01
N PHE I 29 4.77 -29.24 34.14
CA PHE I 29 5.13 -27.82 34.10
C PHE I 29 6.57 -27.58 33.67
N ASP I 30 7.46 -28.55 33.87
CA ASP I 30 8.84 -28.36 33.41
C ASP I 30 8.96 -28.50 31.91
N LEU I 31 8.23 -29.45 31.32
CA LEU I 31 8.23 -29.58 29.86
C LEU I 31 7.69 -28.34 29.20
N TYR I 32 6.59 -27.80 29.75
CA TYR I 32 6.01 -26.57 29.23
C TYR I 32 6.99 -25.41 29.32
N ILE I 33 7.65 -25.27 30.47
CA ILE I 33 8.59 -24.16 30.66
C ILE I 33 9.74 -24.29 29.69
N ASP I 34 10.27 -25.50 29.50
CA ASP I 34 11.40 -25.67 28.60
C ASP I 34 11.01 -25.41 27.15
N LEU I 35 9.87 -25.96 26.72
CA LEU I 35 9.43 -25.73 25.34
C LEU I 35 9.13 -24.26 25.08
N ARG I 36 8.61 -23.55 26.09
CA ARG I 36 8.33 -22.15 25.91
C ARG I 36 9.62 -21.32 25.89
N VAL I 37 10.57 -21.66 26.77
CA VAL I 37 11.80 -20.89 26.84
C VAL I 37 12.65 -21.11 25.60
N GLN I 38 12.49 -22.26 24.94
CA GLN I 38 13.19 -22.45 23.68
C GLN I 38 12.66 -21.51 22.61
N GLY I 39 11.42 -21.06 22.74
CA GLY I 39 10.87 -20.02 21.89
C GLY I 39 9.62 -20.37 21.13
N TYR I 40 9.17 -21.62 21.12
CA TYR I 40 7.98 -21.94 20.35
C TYR I 40 6.76 -21.30 20.99
N SER I 41 5.73 -21.07 20.17
CA SER I 41 4.60 -20.28 20.59
C SER I 41 3.78 -21.00 21.64
N SER I 42 2.89 -20.25 22.30
CA SER I 42 1.89 -20.83 23.18
C SER I 42 0.77 -21.42 22.34
N TRP I 43 -0.37 -21.67 23.00
CA TRP I 43 -1.52 -22.30 22.38
C TRP I 43 -1.22 -23.75 22.04
N ARG I 44 -0.29 -24.01 21.12
CA ARG I 44 -0.11 -25.39 20.72
C ARG I 44 0.57 -26.19 21.83
N VAL I 45 1.60 -25.61 22.47
CA VAL I 45 2.31 -26.31 23.53
C VAL I 45 1.32 -26.84 24.56
N PHE I 46 0.23 -26.11 24.78
CA PHE I 46 -0.85 -26.59 25.61
C PHE I 46 -1.46 -27.86 25.03
N ARG I 47 -1.68 -27.90 23.72
CA ARG I 47 -2.19 -29.10 23.08
C ARG I 47 -1.24 -30.27 23.27
N ALA I 48 0.06 -29.99 23.17
CA ALA I 48 1.09 -31.00 23.26
C ALA I 48 1.17 -31.63 24.64
N ILE I 49 1.21 -30.80 25.68
CA ILE I 49 1.54 -31.30 27.01
C ILE I 49 0.27 -31.62 27.79
N TRP I 50 -0.81 -30.88 27.52
CA TRP I 50 -2.06 -31.09 28.25
C TRP I 50 -3.13 -31.70 27.37
N GLY I 51 -2.73 -32.44 26.34
CA GLY I 51 -3.68 -33.17 25.53
C GLY I 51 -4.62 -32.26 24.78
N GLU I 52 -5.83 -32.75 24.54
CA GLU I 52 -6.86 -32.04 23.79
C GLU I 52 -7.88 -31.35 24.71
N GLU I 53 -7.43 -30.83 25.85
CA GLU I 53 -8.31 -30.13 26.78
C GLU I 53 -8.69 -28.75 26.25
N HIS I 54 -8.36 -28.47 25.00
CA HIS I 54 -8.72 -27.20 24.39
C HIS I 54 -10.24 -27.10 24.23
N MET I 55 -10.71 -25.85 24.15
CA MET I 55 -12.13 -25.54 24.01
C MET I 55 -12.95 -26.07 25.19
N ASP I 56 -12.31 -26.30 26.33
CA ASP I 56 -13.02 -26.69 27.54
C ASP I 56 -13.97 -25.57 27.95
N GLY I 57 -13.42 -24.40 28.24
CA GLY I 57 -14.18 -23.18 28.32
C GLY I 57 -13.64 -22.20 27.29
N PRO I 58 -13.11 -21.08 27.77
CA PRO I 58 -12.26 -20.27 26.89
C PRO I 58 -10.82 -20.77 26.94
N ALA I 59 -10.31 -21.25 25.80
CA ALA I 59 -8.97 -21.81 25.78
C ALA I 59 -7.91 -20.77 26.14
N GLN I 60 -8.06 -19.54 25.61
CA GLN I 60 -7.12 -18.48 25.95
C GLN I 60 -7.15 -18.18 27.45
N ALA I 61 -8.33 -18.30 28.06
CA ALA I 61 -8.44 -18.06 29.50
C ALA I 61 -7.61 -19.06 30.29
N ARG I 62 -7.76 -20.35 30.00
CA ARG I 62 -6.96 -21.34 30.71
C ARG I 62 -5.48 -21.16 30.42
N ILE I 63 -5.14 -20.86 29.16
CA ILE I 63 -3.73 -20.71 28.79
C ILE I 63 -3.07 -19.59 29.56
N PHE I 64 -3.68 -18.40 29.55
CA PHE I 64 -3.05 -17.28 30.27
C PHE I 64 -3.28 -17.37 31.76
N ALA I 65 -4.17 -18.25 32.22
CA ALA I 65 -4.28 -18.49 33.65
C ALA I 65 -3.10 -19.31 34.14
N MET I 66 -2.71 -20.33 33.37
CA MET I 66 -1.52 -21.08 33.72
C MET I 66 -0.26 -20.29 33.40
N GLU I 67 -0.37 -19.27 32.55
CA GLU I 67 0.73 -18.38 32.22
C GLU I 67 1.01 -17.36 33.33
N SER I 68 0.21 -17.36 34.40
CA SER I 68 0.32 -16.35 35.45
C SER I 68 0.66 -16.94 36.82
N ASN I 69 1.10 -18.20 36.87
CA ASN I 69 1.44 -18.79 38.15
C ASN I 69 2.72 -18.16 38.71
N PRO I 70 2.75 -17.82 39.99
CA PRO I 70 4.03 -17.39 40.58
C PRO I 70 5.12 -18.44 40.43
N TYR I 71 4.79 -19.71 40.62
CA TYR I 71 5.74 -20.78 40.35
C TYR I 71 6.20 -20.74 38.90
N TYR I 72 5.25 -20.64 37.96
CA TYR I 72 5.62 -20.48 36.56
C TYR I 72 6.58 -19.32 36.41
N ARG I 73 6.13 -18.12 36.74
CA ARG I 73 6.93 -16.92 36.50
C ARG I 73 8.35 -17.07 37.03
N LYS I 74 8.50 -17.55 38.27
CA LYS I 74 9.84 -17.64 38.84
C LYS I 74 10.70 -18.66 38.10
N GLN I 75 10.16 -19.86 37.82
CA GLN I 75 10.96 -20.86 37.13
C GLN I 75 11.25 -20.46 35.69
N PHE I 76 10.29 -19.84 35.02
CA PHE I 76 10.50 -19.36 33.66
C PHE I 76 11.60 -18.31 33.62
N LYS I 77 11.57 -17.36 34.55
CA LYS I 77 12.63 -16.35 34.59
C LYS I 77 13.99 -16.99 34.85
N ALA I 78 14.04 -17.95 35.78
CA ALA I 78 15.31 -18.60 36.09
C ALA I 78 15.86 -19.33 34.88
N LYS I 79 15.03 -20.17 34.24
CA LYS I 79 15.49 -20.94 33.10
C LYS I 79 15.83 -20.05 31.91
N LEU I 80 15.09 -18.94 31.76
CA LEU I 80 15.35 -18.03 30.66
C LEU I 80 16.67 -17.31 30.84
N ASN I 81 16.96 -16.88 32.06
CA ASN I 81 18.23 -16.22 32.34
C ASN I 81 19.40 -17.20 32.41
N ALA I 82 19.13 -18.49 32.56
CA ALA I 82 20.20 -19.48 32.65
C ALA I 82 20.64 -20.02 31.30
N THR I 83 19.99 -19.64 30.20
CA THR I 83 20.34 -20.18 28.89
C THR I 83 21.28 -19.21 28.17
N LYS I 84 22.43 -19.71 27.74
CA LYS I 84 23.40 -18.88 27.04
C LYS I 84 22.84 -18.45 25.69
N THR I 85 23.27 -17.28 25.22
CA THR I 85 22.77 -16.76 23.96
C THR I 85 23.52 -17.38 22.79
N SER I 86 23.63 -18.72 22.80
CA SER I 86 24.14 -19.45 21.64
C SER I 86 23.33 -20.72 21.41
N ASP I 87 22.36 -21.01 22.26
CA ASP I 87 21.37 -22.05 22.01
C ASP I 87 20.07 -21.45 21.49
N LEU I 88 20.00 -20.13 21.33
CA LEU I 88 18.83 -19.46 20.78
C LEU I 88 19.10 -19.00 19.34
N TRP I 89 20.16 -18.22 19.13
CA TRP I 89 20.51 -17.72 17.81
C TRP I 89 22.01 -17.85 17.60
N ASN I 90 22.41 -18.81 16.77
CA ASN I 90 23.77 -18.96 16.29
C ASN I 90 23.73 -18.95 14.76
N PRO I 91 24.83 -18.56 14.09
CA PRO I 91 24.74 -18.23 12.66
C PRO I 91 24.10 -19.32 11.82
N LYS I 92 24.42 -20.56 12.14
CA LYS I 92 23.99 -21.69 11.33
C LYS I 92 22.48 -21.86 11.41
N THR I 93 21.88 -21.59 12.59
CA THR I 93 20.42 -21.60 12.69
C THR I 93 19.79 -20.49 11.86
N ALA I 94 20.42 -19.32 11.81
CA ALA I 94 19.89 -18.24 10.96
C ALA I 94 19.92 -18.64 9.49
N LEU I 95 21.02 -19.25 9.05
CA LEU I 95 21.08 -19.74 7.68
C LEU I 95 19.99 -20.76 7.41
N HIS I 96 19.78 -21.69 8.36
CA HIS I 96 18.75 -22.69 8.16
C HIS I 96 17.35 -22.08 8.12
N GLU I 97 17.07 -21.09 8.96
CA GLU I 97 15.74 -20.48 8.95
C GLU I 97 15.49 -19.73 7.66
N LEU I 98 16.46 -18.93 7.21
CA LEU I 98 16.29 -18.26 5.92
C LEU I 98 16.13 -19.26 4.78
N LEU I 99 16.88 -20.37 4.80
CA LEU I 99 16.72 -21.38 3.77
C LEU I 99 15.34 -22.04 3.81
N GLN I 100 14.83 -22.30 5.03
CA GLN I 100 13.46 -22.79 5.15
C GLN I 100 12.48 -21.84 4.50
N MET I 101 12.65 -20.55 4.73
CA MET I 101 11.73 -19.58 4.15
C MET I 101 11.88 -19.52 2.64
N VAL I 102 13.10 -19.76 2.13
CA VAL I 102 13.32 -19.76 0.69
C VAL I 102 12.63 -20.94 0.01
N ARG I 103 12.76 -22.14 0.56
CA ARG I 103 12.28 -23.34 -0.12
C ARG I 103 10.84 -23.69 0.18
N ASP I 104 10.14 -22.85 0.92
CA ASP I 104 8.72 -23.09 1.20
C ASP I 104 7.86 -22.42 0.13
N PRO I 105 7.09 -23.21 -0.64
CA PRO I 105 6.25 -22.61 -1.69
C PRO I 105 4.91 -22.11 -1.18
N THR I 106 4.92 -21.37 -0.06
CA THR I 106 3.70 -20.80 0.48
C THR I 106 4.00 -19.41 1.07
N VAL I 107 5.16 -18.85 0.80
CA VAL I 107 5.69 -17.70 1.53
C VAL I 107 5.47 -16.43 0.72
N LYS I 108 4.64 -16.53 -0.32
CA LYS I 108 4.53 -15.45 -1.31
C LYS I 108 5.89 -15.23 -1.96
N ASP I 109 5.96 -14.30 -2.90
CA ASP I 109 7.17 -14.21 -3.71
C ASP I 109 8.10 -13.07 -3.31
N SER I 110 7.56 -11.95 -2.83
CA SER I 110 8.39 -10.88 -2.30
C SER I 110 9.20 -11.30 -1.09
N SER I 111 8.61 -12.07 -0.19
CA SER I 111 9.36 -12.58 0.96
C SER I 111 10.48 -13.53 0.53
N ARG I 112 10.23 -14.39 -0.45
CA ARG I 112 11.29 -15.26 -0.93
C ARG I 112 12.43 -14.44 -1.55
N LEU I 113 12.07 -13.42 -2.34
CA LEU I 113 13.10 -12.56 -2.90
C LEU I 113 13.94 -11.90 -1.82
N SER I 114 13.28 -11.36 -0.78
CA SER I 114 14.02 -10.72 0.28
C SER I 114 14.90 -11.71 1.04
N ALA I 115 14.42 -12.93 1.25
CA ALA I 115 15.23 -13.94 1.91
C ALA I 115 16.47 -14.27 1.10
N ILE I 116 16.32 -14.37 -0.22
CA ILE I 116 17.48 -14.59 -1.09
C ILE I 116 18.44 -13.43 -0.97
N LYS I 117 17.91 -12.21 -0.94
CA LYS I 117 18.76 -11.02 -0.79
C LYS I 117 19.59 -11.09 0.49
N GLU I 118 18.96 -11.47 1.60
CA GLU I 118 19.66 -11.45 2.88
C GLU I 118 20.65 -12.60 2.99
N LEU I 119 20.30 -13.77 2.45
CA LEU I 119 21.27 -14.85 2.38
C LEU I 119 22.46 -14.43 1.50
N ASN I 120 22.20 -13.61 0.49
CA ASN I 120 23.26 -13.10 -0.36
C ASN I 120 24.17 -12.16 0.43
N VAL I 121 23.57 -11.26 1.20
CA VAL I 121 24.30 -10.25 1.95
C VAL I 121 25.16 -10.91 3.02
N LEU I 122 24.59 -11.88 3.74
CA LEU I 122 25.30 -12.50 4.85
C LEU I 122 26.58 -13.19 4.41
N ALA I 123 26.47 -14.22 3.58
CA ALA I 123 27.63 -15.06 3.30
C ALA I 123 28.44 -14.58 2.11
N GLU I 124 28.72 -13.27 2.06
CA GLU I 124 29.65 -12.65 1.11
C GLU I 124 29.64 -13.33 -0.26
N ILE I 125 28.46 -13.59 -0.80
CA ILE I 125 28.32 -14.52 -1.91
C ILE I 125 28.05 -13.73 -3.19
N THR I 126 28.46 -12.46 -3.18
CA THR I 126 28.32 -11.60 -4.36
C THR I 126 29.32 -12.02 -5.44
N PHE I 127 29.02 -13.16 -6.07
CA PHE I 127 29.83 -13.75 -7.13
C PHE I 127 31.19 -14.19 -6.64
N VAL I 128 31.38 -14.24 -5.33
CA VAL I 128 32.66 -14.64 -4.76
C VAL I 128 32.48 -15.69 -3.67
N GLN J 14 -19.93 -7.47 42.86
CA GLN J 14 -19.99 -6.15 42.24
C GLN J 14 -20.24 -6.26 40.74
N GLU J 15 -21.51 -6.47 40.37
CA GLU J 15 -21.93 -6.51 38.97
C GLU J 15 -22.34 -5.14 38.45
N PHE J 16 -22.22 -4.12 39.30
CA PHE J 16 -22.52 -2.75 38.89
C PHE J 16 -21.27 -2.08 38.35
N ALA J 17 -21.33 -0.77 38.11
CA ALA J 17 -20.14 0.00 37.75
C ALA J 17 -19.84 0.99 38.87
N ASP J 18 -19.13 0.55 39.89
CA ASP J 18 -18.88 1.35 41.08
C ASP J 18 -17.40 1.59 41.26
N PRO J 19 -16.94 2.84 41.20
CA PRO J 19 -15.51 3.12 41.44
C PRO J 19 -15.09 2.81 42.87
N HIS J 20 -15.72 3.46 43.85
CA HIS J 20 -15.26 3.33 45.23
C HIS J 20 -15.99 2.22 45.95
N PHE J 21 -15.38 1.04 45.97
CA PHE J 21 -15.83 -0.08 46.79
C PHE J 21 -14.60 -0.79 47.35
N ALA J 22 -13.47 -0.11 47.33
CA ALA J 22 -12.20 -0.67 47.76
C ALA J 22 -12.17 -0.80 49.29
N ALA J 23 -11.04 -1.28 49.81
CA ALA J 23 -10.79 -1.58 51.21
C ALA J 23 -11.60 -2.78 51.70
N ILE J 24 -12.49 -3.32 50.88
CA ILE J 24 -13.16 -4.59 51.15
C ILE J 24 -12.56 -5.71 50.31
N ASN J 25 -12.37 -5.45 49.03
CA ASN J 25 -11.63 -6.33 48.13
C ASN J 25 -10.30 -5.64 47.83
N GLN J 26 -9.28 -5.93 48.63
CA GLN J 26 -8.01 -5.23 48.50
C GLN J 26 -6.91 -6.14 47.97
N LYS J 27 -6.94 -7.42 48.34
CA LYS J 27 -5.98 -8.36 47.80
C LYS J 27 -6.17 -8.61 46.31
N ARG J 28 -7.41 -8.59 45.82
CA ARG J 28 -7.67 -8.74 44.39
C ARG J 28 -7.15 -7.54 43.61
N PHE J 29 -7.31 -6.33 44.16
CA PHE J 29 -6.77 -5.15 43.50
C PHE J 29 -5.26 -5.14 43.42
N ASP J 30 -4.56 -5.83 44.32
CA ASP J 30 -3.11 -5.88 44.22
C ASP J 30 -2.64 -6.80 43.10
N LEU J 31 -3.32 -7.94 42.93
CA LEU J 31 -2.98 -8.83 41.82
C LEU J 31 -3.20 -8.14 40.49
N TYR J 32 -4.31 -7.41 40.35
CA TYR J 32 -4.59 -6.67 39.13
C TYR J 32 -3.53 -5.61 38.88
N ILE J 33 -3.15 -4.87 39.92
CA ILE J 33 -2.16 -3.81 39.75
C ILE J 33 -0.83 -4.40 39.33
N ASP J 34 -0.42 -5.51 39.96
CA ASP J 34 0.86 -6.11 39.61
C ASP J 34 0.86 -6.67 38.20
N LEU J 35 -0.19 -7.39 37.82
CA LEU J 35 -0.26 -7.95 36.48
C LEU J 35 -0.29 -6.85 35.43
N ARG J 36 -0.95 -5.74 35.73
CA ARG J 36 -1.00 -4.65 34.76
C ARG J 36 0.34 -3.93 34.69
N VAL J 37 1.00 -3.72 35.82
CA VAL J 37 2.27 -3.00 35.82
C VAL J 37 3.35 -3.83 35.15
N GLN J 38 3.22 -5.15 35.18
CA GLN J 38 4.18 -5.96 34.44
C GLN J 38 4.04 -5.76 32.94
N GLY J 39 2.87 -5.35 32.47
CA GLY J 39 2.68 -4.92 31.10
C GLY J 39 1.62 -5.66 30.33
N TYR J 40 1.03 -6.74 30.85
CA TYR J 40 0.03 -7.45 30.07
C TYR J 40 -1.22 -6.59 29.92
N SER J 41 -1.98 -6.87 28.87
CA SER J 41 -3.07 -5.99 28.49
C SER J 41 -4.21 -6.07 29.50
N SER J 42 -5.13 -5.11 29.39
CA SER J 42 -6.37 -5.15 30.13
C SER J 42 -7.33 -6.13 29.46
N TRP J 43 -8.61 -6.02 29.80
CA TRP J 43 -9.64 -6.91 29.33
C TRP J 43 -9.45 -8.31 29.89
N ARG J 44 -8.37 -9.00 29.53
CA ARG J 44 -8.27 -10.37 29.97
C ARG J 44 -7.98 -10.44 31.47
N VAL J 45 -7.07 -9.58 31.96
CA VAL J 45 -6.73 -9.59 33.38
C VAL J 45 -8.00 -9.51 34.23
N PHE J 46 -9.02 -8.80 33.73
CA PHE J 46 -10.32 -8.79 34.36
C PHE J 46 -10.92 -10.19 34.38
N ARG J 47 -10.81 -10.94 33.28
CA ARG J 47 -11.32 -12.31 33.25
C ARG J 47 -10.58 -13.16 34.27
N ALA J 48 -9.27 -12.94 34.39
CA ALA J 48 -8.43 -13.73 35.28
C ALA J 48 -8.77 -13.52 36.73
N ILE J 49 -8.87 -12.26 37.16
CA ILE J 49 -8.94 -11.96 38.59
C ILE J 49 -10.39 -11.85 39.04
N TRP J 50 -11.28 -11.40 38.16
CA TRP J 50 -12.68 -11.21 38.52
C TRP J 50 -13.58 -12.23 37.82
N GLY J 51 -13.03 -13.39 37.48
CA GLY J 51 -13.84 -14.47 36.94
C GLY J 51 -14.45 -14.12 35.60
N GLU J 52 -15.62 -14.69 35.35
CA GLU J 52 -16.34 -14.51 34.09
C GLU J 52 -17.46 -13.47 34.19
N GLU J 53 -17.23 -12.41 34.97
CA GLU J 53 -18.22 -11.35 35.12
C GLU J 53 -18.28 -10.47 33.88
N HIS J 54 -17.63 -10.90 32.80
CA HIS J 54 -17.67 -10.16 31.55
C HIS J 54 -19.08 -10.19 30.96
N MET J 55 -19.37 -9.20 30.11
CA MET J 55 -20.66 -9.04 29.45
C MET J 55 -21.80 -8.88 30.46
N ASP J 56 -21.48 -8.46 31.69
CA ASP J 56 -22.52 -8.15 32.67
C ASP J 56 -23.38 -7.01 32.16
N GLY J 57 -22.78 -5.85 31.94
CA GLY J 57 -23.37 -4.80 31.17
C GLY J 57 -22.48 -4.50 29.98
N PRO J 58 -21.95 -3.29 29.91
CA PRO J 58 -20.82 -3.05 29.02
C PRO J 58 -19.51 -3.41 29.70
N ALA J 59 -18.80 -4.42 29.17
CA ALA J 59 -17.58 -4.86 29.81
C ALA J 59 -16.52 -3.76 29.84
N GLN J 60 -16.38 -3.02 28.75
CA GLN J 60 -15.43 -1.91 28.71
C GLN J 60 -15.78 -0.87 29.76
N ALA J 61 -17.08 -0.67 30.00
CA ALA J 61 -17.50 0.30 31.01
C ALA J 61 -17.01 -0.10 32.40
N ARG J 62 -17.25 -1.34 32.79
CA ARG J 62 -16.77 -1.79 34.10
C ARG J 62 -15.25 -1.76 34.17
N ILE J 63 -14.59 -2.16 33.09
CA ILE J 63 -13.13 -2.20 33.09
C ILE J 63 -12.54 -0.82 33.31
N PHE J 64 -12.98 0.17 32.52
CA PHE J 64 -12.41 1.50 32.69
C PHE J 64 -13.00 2.23 33.88
N ALA J 65 -14.08 1.70 34.48
CA ALA J 65 -14.56 2.26 35.73
C ALA J 65 -13.64 1.85 36.87
N MET J 66 -13.21 0.60 36.88
CA MET J 66 -12.24 0.17 37.88
C MET J 66 -10.85 0.71 37.55
N GLU J 67 -10.62 1.11 36.30
CA GLU J 67 -9.37 1.72 35.87
C GLU J 67 -9.25 3.18 36.31
N SER J 68 -10.28 3.73 36.96
CA SER J 68 -10.29 5.14 37.32
C SER J 68 -10.38 5.39 38.82
N ASN J 69 -10.12 4.37 39.64
CA ASN J 69 -10.18 4.55 41.08
C ASN J 69 -9.00 5.41 41.54
N PRO J 70 -9.24 6.39 42.42
CA PRO J 70 -8.10 7.10 43.02
C PRO J 70 -7.14 6.16 43.73
N TYR J 71 -7.67 5.18 44.47
CA TYR J 71 -6.83 4.14 45.06
C TYR J 71 -6.02 3.43 43.99
N TYR J 72 -6.70 2.98 42.93
CA TYR J 72 -5.99 2.38 41.81
C TYR J 72 -4.88 3.30 41.34
N ARG J 73 -5.24 4.49 40.85
CA ARG J 73 -4.26 5.40 40.25
C ARG J 73 -3.05 5.59 41.14
N LYS J 74 -3.26 5.85 42.44
CA LYS J 74 -2.12 6.11 43.32
C LYS J 74 -1.24 4.86 43.48
N GLN J 75 -1.86 3.70 43.73
CA GLN J 75 -1.04 2.50 43.92
C GLN J 75 -0.35 2.08 42.62
N PHE J 76 -1.04 2.22 41.48
CA PHE J 76 -0.45 1.90 40.19
C PHE J 76 0.75 2.80 39.91
N LYS J 77 0.62 4.10 40.17
CA LYS J 77 1.75 5.00 39.96
C LYS J 77 2.92 4.62 40.87
N ALA J 78 2.63 4.32 42.13
CA ALA J 78 3.69 3.97 43.07
C ALA J 78 4.43 2.70 42.62
N LYS J 79 3.68 1.64 42.31
CA LYS J 79 4.30 0.38 41.91
C LYS J 79 5.01 0.52 40.58
N LEU J 80 4.49 1.36 39.68
CA LEU J 80 5.11 1.54 38.38
C LEU J 80 6.43 2.28 38.52
N ASN J 81 6.47 3.31 39.37
CA ASN J 81 7.71 4.05 39.58
C ASN J 81 8.68 3.29 40.47
N ALA J 82 8.23 2.27 41.19
CA ALA J 82 9.11 1.50 42.06
C ALA J 82 9.81 0.33 41.38
N THR J 83 9.49 0.05 40.12
CA THR J 83 10.08 -1.08 39.42
C THR J 83 11.27 -0.63 38.60
N LYS J 84 12.42 -1.25 38.82
CA LYS J 84 13.63 -0.90 38.08
C LYS J 84 13.47 -1.28 36.61
N THR J 85 14.14 -0.53 35.74
CA THR J 85 14.04 -0.78 34.30
C THR J 85 14.96 -1.91 33.89
N SER J 86 14.90 -3.03 34.62
CA SER J 86 15.58 -4.24 34.20
C SER J 86 14.70 -5.47 34.44
N ASP J 87 13.52 -5.28 35.04
CA ASP J 87 12.50 -6.31 35.10
C ASP J 87 11.45 -6.12 34.02
N LEU J 88 11.59 -5.09 33.18
CA LEU J 88 10.67 -4.86 32.07
C LEU J 88 11.34 -5.22 30.74
N TRP J 89 12.51 -4.64 30.45
CA TRP J 89 13.22 -4.94 29.21
C TRP J 89 14.71 -5.11 29.52
N ASN J 90 15.17 -6.35 29.46
CA ASN J 90 16.58 -6.70 29.52
C ASN J 90 16.91 -7.51 28.27
N PRO J 91 18.17 -7.52 27.81
CA PRO J 91 18.48 -8.00 26.46
C PRO J 91 17.93 -9.39 26.17
N LYS J 92 18.01 -10.25 27.17
CA LYS J 92 17.65 -11.65 26.98
C LYS J 92 16.15 -11.79 26.72
N THR J 93 15.33 -10.96 27.37
CA THR J 93 13.90 -10.94 27.06
C THR J 93 13.64 -10.47 25.64
N ALA J 94 14.40 -9.48 25.15
CA ALA J 94 14.23 -9.04 23.77
C ALA J 94 14.56 -10.16 22.80
N LEU J 95 15.65 -10.88 23.05
CA LEU J 95 15.98 -12.02 22.21
C LEU J 95 14.86 -13.05 22.24
N HIS J 96 14.32 -13.34 23.43
CA HIS J 96 13.25 -14.32 23.51
C HIS J 96 11.99 -13.87 22.78
N GLU J 97 11.64 -12.58 22.86
CA GLU J 97 10.43 -12.11 22.18
C GLU J 97 10.59 -12.17 20.67
N LEU J 98 11.75 -11.72 20.16
CA LEU J 98 11.98 -11.84 18.73
C LEU J 98 11.98 -13.29 18.28
N LEU J 99 12.55 -14.20 19.08
CA LEU J 99 12.53 -15.61 18.72
C LEU J 99 11.11 -16.17 18.72
N GLN J 100 10.29 -15.77 19.69
CA GLN J 100 8.88 -16.14 19.69
C GLN J 100 8.21 -15.72 18.40
N MET J 101 8.48 -14.49 17.96
CA MET J 101 7.85 -14.01 16.73
C MET J 101 8.37 -14.77 15.52
N VAL J 102 9.64 -15.20 15.57
CA VAL J 102 10.21 -15.98 14.46
C VAL J 102 9.56 -17.34 14.33
N ARG J 103 9.40 -18.07 15.44
CA ARG J 103 8.96 -19.46 15.38
C ARG J 103 7.44 -19.63 15.42
N ASP J 104 6.69 -18.54 15.38
CA ASP J 104 5.24 -18.63 15.36
C ASP J 104 4.75 -18.67 13.90
N PRO J 105 4.10 -19.75 13.48
CA PRO J 105 3.62 -19.83 12.10
C PRO J 105 2.27 -19.16 11.89
N THR J 106 2.10 -17.95 12.41
CA THR J 106 0.87 -17.20 12.22
C THR J 106 1.18 -15.70 12.06
N VAL J 107 2.44 -15.35 11.85
CA VAL J 107 2.91 -13.97 12.00
C VAL J 107 3.06 -13.35 10.62
N LYS J 108 2.50 -14.00 9.61
CA LYS J 108 2.76 -13.62 8.21
C LYS J 108 4.25 -13.75 7.94
N ASP J 109 4.68 -13.46 6.72
CA ASP J 109 6.05 -13.80 6.35
C ASP J 109 6.98 -12.59 6.32
N SER J 110 6.48 -11.39 5.99
CA SER J 110 7.28 -10.19 6.08
C SER J 110 7.72 -9.88 7.50
N SER J 111 6.84 -10.06 8.48
CA SER J 111 7.22 -9.86 9.88
C SER J 111 8.28 -10.86 10.32
N ARG J 112 8.18 -12.13 9.92
CA ARG J 112 9.21 -13.09 10.25
C ARG J 112 10.54 -12.70 9.63
N LEU J 113 10.52 -12.26 8.37
CA LEU J 113 11.76 -11.81 7.74
C LEU J 113 12.37 -10.65 8.50
N SER J 114 11.57 -9.67 8.89
CA SER J 114 12.10 -8.53 9.62
C SER J 114 12.64 -8.94 10.99
N ALA J 115 11.96 -9.87 11.66
CA ALA J 115 12.47 -10.35 12.94
C ALA J 115 13.82 -11.04 12.79
N ILE J 116 13.97 -11.83 11.73
CA ILE J 116 15.27 -12.45 11.46
C ILE J 116 16.32 -11.38 11.20
N LYS J 117 15.95 -10.34 10.46
CA LYS J 117 16.88 -9.24 10.19
C LYS J 117 17.35 -8.60 11.49
N GLU J 118 16.43 -8.35 12.42
CA GLU J 118 16.81 -7.62 13.62
C GLU J 118 17.59 -8.51 14.58
N LEU J 119 17.23 -9.79 14.66
CA LEU J 119 18.06 -10.72 15.43
C LEU J 119 19.45 -10.80 14.83
N ASN J 120 19.56 -10.66 13.51
CA ASN J 120 20.85 -10.65 12.84
C ASN J 120 21.65 -9.42 13.24
N VAL J 121 20.99 -8.26 13.23
CA VAL J 121 21.65 -6.99 13.50
C VAL J 121 22.13 -6.95 14.95
N LEU J 122 21.29 -7.40 15.88
CA LEU J 122 21.63 -7.31 17.29
C LEU J 122 22.88 -8.10 17.65
N ALA J 123 22.85 -9.42 17.48
CA ALA J 123 23.92 -10.25 18.01
C ALA J 123 25.05 -10.46 17.01
N GLU J 124 25.50 -9.38 16.37
CA GLU J 124 26.70 -9.33 15.52
C GLU J 124 26.94 -10.63 14.76
N ILE J 125 25.90 -11.17 14.14
CA ILE J 125 25.92 -12.56 13.69
C ILE J 125 26.07 -12.58 12.17
N THR J 126 26.62 -11.49 11.63
CA THR J 126 26.88 -11.40 10.20
C THR J 126 28.04 -12.30 9.80
N PHE J 127 27.76 -13.61 9.81
CA PHE J 127 28.72 -14.66 9.47
C PHE J 127 29.87 -14.73 10.47
N VAL J 128 29.73 -14.06 11.61
CA VAL J 128 30.77 -14.07 12.63
C VAL J 128 30.19 -14.38 14.01
#